data_4R29
#
_entry.id   4R29
#
_cell.length_a   134.304
_cell.length_b   53.976
_cell.length_c   134.794
_cell.angle_alpha   90.00
_cell.angle_beta   90.11
_cell.angle_gamma   90.00
#
_symmetry.space_group_name_H-M   'C 1 2 1'
#
loop_
_entity.id
_entity.type
_entity.pdbx_description
1 polymer 'Uncharacterized protein'
2 non-polymer S-ADENOSYLMETHIONINE
3 non-polymer GLYCEROL
4 non-polymer 'CITRIC ACID'
5 water water
#
_entity_poly.entity_id   1
_entity_poly.type   'polypeptide(L)'
_entity_poly.pdbx_seq_one_letter_code
;MINPVTNTQGVSPINTKYAEHVVKNIYPEIKHDYFNESPNIYDKKYISGITRGVAELKQEEFVNEKARRFSYMKTMYSVC
PEAFEPISRNEASTPEGSWLTVISGKRPMGQFSVDSLYNPDLHALCELPDICCKIFPKENNDFLYIVVVYRNDSPLGEQR
ANRFIELYNIKRDIMQELNYALPELKAVKSEMIIAREMGEIFSYMPGEIDSYMKYINNKLSKIE
;
_entity_poly.pdbx_strand_id   A,B,C,D
#
# COMPACT_ATOMS: atom_id res chain seq x y z
N HIS A 21 31.44 36.85 4.57
CA HIS A 21 30.15 36.29 4.97
C HIS A 21 30.23 34.80 5.33
N VAL A 22 29.22 34.04 4.94
CA VAL A 22 29.12 32.67 5.42
C VAL A 22 30.32 31.82 5.03
N VAL A 23 30.97 32.16 3.91
CA VAL A 23 32.09 31.36 3.43
C VAL A 23 33.43 31.73 4.08
N LYS A 24 33.73 33.01 4.15
CA LYS A 24 34.97 33.43 4.80
C LYS A 24 34.91 33.10 6.28
N ASN A 25 33.69 33.03 6.80
CA ASN A 25 33.50 32.69 8.20
C ASN A 25 33.99 31.29 8.57
N ILE A 26 33.80 30.34 7.67
CA ILE A 26 34.20 28.96 7.93
C ILE A 26 35.46 28.56 7.18
N TYR A 27 35.87 29.41 6.23
CA TYR A 27 37.02 29.12 5.38
C TYR A 27 37.81 30.41 5.16
N PRO A 28 38.38 30.95 6.24
CA PRO A 28 39.00 32.28 6.22
C PRO A 28 39.97 32.42 5.06
N GLU A 29 40.83 31.42 4.90
CA GLU A 29 41.98 31.51 4.00
C GLU A 29 41.63 31.27 2.54
N ILE A 30 40.39 31.57 2.14
CA ILE A 30 39.97 31.27 0.77
C ILE A 30 40.42 32.34 -0.22
N LYS A 31 40.83 31.89 -1.41
CA LYS A 31 41.23 32.77 -2.50
C LYS A 31 40.21 33.87 -2.84
N HIS A 32 40.69 35.09 -3.01
CA HIS A 32 39.83 36.23 -3.25
C HIS A 32 38.97 36.13 -4.50
N ASP A 33 39.53 35.57 -5.56
CA ASP A 33 38.86 35.49 -6.85
C ASP A 33 37.60 34.62 -6.78
N TYR A 34 37.55 33.75 -5.77
CA TYR A 34 36.44 32.79 -5.65
C TYR A 34 35.12 33.51 -5.79
N PHE A 35 35.02 34.66 -5.11
CA PHE A 35 33.78 35.39 -5.07
C PHE A 35 33.52 36.24 -6.30
N ASN A 36 34.50 36.36 -7.19
CA ASN A 36 34.29 37.08 -8.45
C ASN A 36 33.60 36.19 -9.46
N GLU A 37 33.99 34.92 -9.45
CA GLU A 37 33.38 33.93 -10.33
C GLU A 37 31.89 33.80 -10.04
N SER A 38 31.15 33.21 -10.96
CA SER A 38 29.74 32.98 -10.75
C SER A 38 29.51 31.60 -10.15
N PRO A 39 28.38 31.42 -9.47
CA PRO A 39 27.96 30.15 -8.87
C PRO A 39 28.02 29.00 -9.87
N ASN A 40 28.76 27.94 -9.56
CA ASN A 40 28.67 26.74 -10.39
C ASN A 40 27.35 26.00 -10.13
N ILE A 41 27.15 24.92 -10.87
CA ILE A 41 25.85 24.25 -10.88
C ILE A 41 25.49 23.74 -9.48
N TYR A 42 26.51 23.48 -8.67
CA TYR A 42 26.30 22.96 -7.32
C TYR A 42 25.92 24.05 -6.37
N ASP A 43 26.66 25.14 -6.43
CA ASP A 43 26.30 26.33 -5.69
C ASP A 43 24.82 26.70 -5.88
N LYS A 44 24.33 26.55 -7.11
CA LYS A 44 22.98 26.96 -7.45
C LYS A 44 21.88 26.19 -6.72
N LYS A 45 22.22 25.00 -6.22
CA LYS A 45 21.27 24.32 -5.32
C LYS A 45 20.95 25.20 -4.11
N TYR A 46 21.86 26.10 -3.76
CA TYR A 46 21.77 26.84 -2.49
C TYR A 46 21.75 28.35 -2.61
N ILE A 47 22.18 28.87 -3.76
CA ILE A 47 22.22 30.32 -3.95
C ILE A 47 21.75 30.75 -5.34
N SER A 48 21.64 32.06 -5.52
CA SER A 48 21.19 32.64 -6.78
C SER A 48 21.70 34.07 -6.91
N GLY A 49 22.79 34.22 -7.65
CA GLY A 49 23.37 35.51 -7.92
C GLY A 49 24.15 35.47 -9.22
N ILE A 50 24.64 36.62 -9.65
CA ILE A 50 25.39 36.72 -10.90
C ILE A 50 26.80 36.25 -10.60
N THR A 51 27.33 36.72 -9.48
CA THR A 51 28.68 36.35 -9.05
C THR A 51 28.64 35.40 -7.85
N ARG A 52 29.44 35.70 -6.85
CA ARG A 52 29.51 34.88 -5.64
C ARG A 52 29.40 35.72 -4.39
N VAL A 54 27.92 38.09 -4.18
CA VAL A 54 26.74 38.95 -4.20
C VAL A 54 25.49 38.17 -4.59
N ALA A 55 25.41 36.92 -4.12
CA ALA A 55 24.27 36.07 -4.42
C ALA A 55 23.38 35.87 -3.20
N GLU A 56 22.10 35.61 -3.44
CA GLU A 56 21.15 35.41 -2.35
C GLU A 56 21.27 33.97 -1.86
N LEU A 57 21.21 33.78 -0.55
CA LEU A 57 21.07 32.44 0.00
C LEU A 57 19.60 32.08 -0.05
N LYS A 58 19.28 30.95 -0.68
CA LYS A 58 17.89 30.48 -0.70
C LYS A 58 17.37 30.25 0.71
N GLN A 59 16.13 30.68 0.94
CA GLN A 59 15.53 30.58 2.27
C GLN A 59 15.20 29.14 2.65
N GLU A 60 14.76 28.35 1.68
CA GLU A 60 14.43 26.96 1.99
C GLU A 60 15.65 26.03 1.89
N GLU A 61 16.31 26.06 0.74
CA GLU A 61 17.44 25.18 0.45
C GLU A 61 18.71 25.46 1.28
N PHE A 62 18.98 26.73 1.58
CA PHE A 62 20.10 27.01 2.48
C PHE A 62 19.66 27.27 3.93
N VAL A 63 19.03 28.43 4.16
CA VAL A 63 18.67 28.86 5.50
C VAL A 63 17.88 27.81 6.28
N ASN A 64 16.74 27.38 5.74
CA ASN A 64 15.90 26.43 6.46
C ASN A 64 16.48 25.02 6.51
N GLU A 65 17.21 24.63 5.47
CA GLU A 65 17.86 23.33 5.47
C GLU A 65 18.96 23.36 6.53
N LYS A 66 19.75 24.42 6.55
CA LYS A 66 20.83 24.51 7.52
C LYS A 66 20.31 24.42 8.95
N ALA A 67 19.23 25.14 9.25
CA ALA A 67 18.68 25.13 10.60
C ALA A 67 18.21 23.73 10.98
N ARG A 68 17.55 23.04 10.05
CA ARG A 68 17.10 21.67 10.30
C ARG A 68 18.29 20.72 10.54
N ARG A 69 19.29 20.80 9.69
CA ARG A 69 20.47 19.96 9.86
C ARG A 69 21.20 20.28 11.17
N PHE A 70 21.23 21.56 11.52
CA PHE A 70 21.93 22.01 12.74
C PHE A 70 21.26 21.45 14.00
N SER A 71 19.93 21.41 14.00
CA SER A 71 19.19 20.80 15.11
C SER A 71 19.55 19.34 15.24
N TYR A 72 19.52 18.64 14.11
CA TYR A 72 19.91 17.25 14.05
C TYR A 72 21.30 17.07 14.68
N MET A 73 22.25 17.93 14.33
CA MET A 73 23.61 17.82 14.83
C MET A 73 23.72 18.06 16.35
N LYS A 74 22.93 19.02 16.82
CA LYS A 74 22.94 19.38 18.22
C LYS A 74 22.39 18.25 19.07
N THR A 75 21.37 17.57 18.55
CA THR A 75 20.84 16.39 19.22
C THR A 75 21.91 15.29 19.32
N MET A 76 22.66 15.06 18.25
CA MET A 76 23.65 13.98 18.24
C MET A 76 24.98 14.40 18.87
N TYR A 77 25.17 15.70 19.09
CA TYR A 77 26.44 16.15 19.65
C TYR A 77 26.73 15.49 20.98
N SER A 78 27.96 15.07 21.15
CA SER A 78 28.38 14.56 22.43
C SER A 78 29.79 14.98 22.75
N VAL A 79 30.23 14.69 23.97
CA VAL A 79 31.60 14.97 24.36
C VAL A 79 32.44 13.76 24.06
N CYS A 80 33.76 13.94 24.07
CA CYS A 80 34.69 12.85 23.80
C CYS A 80 34.77 11.88 24.95
N PRO A 81 34.94 10.59 24.64
CA PRO A 81 35.16 9.60 25.70
C PRO A 81 36.51 9.86 26.35
N GLU A 82 36.70 9.26 27.51
CA GLU A 82 37.97 9.30 28.18
C GLU A 82 39.01 8.75 27.21
N ALA A 83 38.57 7.83 26.36
CA ALA A 83 39.43 7.21 25.35
C ALA A 83 38.60 6.65 24.17
N PHE A 84 39.14 6.72 22.97
CA PHE A 84 38.40 6.26 21.80
C PHE A 84 38.57 4.76 21.56
N GLU A 85 37.51 4.15 21.02
CA GLU A 85 37.55 2.80 20.46
C GLU A 85 37.38 2.89 18.94
N PRO A 86 37.99 1.96 18.20
CA PRO A 86 37.84 1.88 16.75
C PRO A 86 36.39 1.76 16.30
N ILE A 87 36.06 2.47 15.24
CA ILE A 87 34.76 2.35 14.63
C ILE A 87 34.92 1.41 13.45
N SER A 88 33.80 0.94 12.94
CA SER A 88 33.81 0.30 11.64
C SER A 88 33.83 1.35 10.55
N ARG A 89 34.69 1.10 9.56
CA ARG A 89 34.74 1.85 8.32
C ARG A 89 33.33 2.11 7.75
N ASN A 90 32.42 1.17 7.96
CA ASN A 90 31.04 1.29 7.51
C ASN A 90 30.27 2.48 8.09
N GLU A 91 30.61 2.89 9.31
CA GLU A 91 29.98 4.04 9.98
C GLU A 91 30.41 5.39 9.36
N ALA A 92 31.48 5.36 8.57
CA ALA A 92 32.03 6.60 8.04
C ALA A 92 32.27 6.53 6.54
N SER A 93 31.42 5.79 5.84
CA SER A 93 31.61 5.62 4.40
C SER A 93 30.78 6.59 3.58
N THR A 94 29.90 7.36 4.24
CA THR A 94 29.17 8.43 3.57
C THR A 94 29.65 9.76 4.15
N PRO A 95 29.42 10.87 3.43
CA PRO A 95 29.81 12.14 4.06
C PRO A 95 29.17 12.31 5.43
N GLU A 96 27.89 11.95 5.54
CA GLU A 96 27.14 12.21 6.76
C GLU A 96 27.72 11.42 7.95
N GLY A 97 27.98 10.14 7.75
CA GLY A 97 28.59 9.32 8.79
C GLY A 97 30.01 9.76 9.10
N SER A 98 30.69 10.34 8.10
CA SER A 98 32.05 10.83 8.28
C SER A 98 32.13 11.88 9.38
N TRP A 99 31.15 12.80 9.43
CA TRP A 99 31.14 13.80 10.51
C TRP A 99 30.30 13.40 11.73
N LEU A 100 29.32 12.53 11.53
CA LEU A 100 28.49 12.05 12.63
C LEU A 100 29.33 11.33 13.68
N THR A 101 30.25 10.48 13.23
CA THR A 101 31.13 9.74 14.13
C THR A 101 32.06 10.70 14.90
N VAL A 102 32.28 11.89 14.34
CA VAL A 102 33.12 12.83 15.04
C VAL A 102 32.31 13.66 16.05
N ILE A 103 31.15 14.18 15.63
CA ILE A 103 30.34 15.02 16.51
C ILE A 103 29.71 14.23 17.66
N SER A 104 29.50 12.95 17.46
CA SER A 104 28.98 12.10 18.53
C SER A 104 30.13 11.63 19.44
N GLY A 105 31.34 12.04 19.12
CA GLY A 105 32.50 11.72 19.95
C GLY A 105 33.08 10.32 19.80
N LYS A 106 32.65 9.57 18.78
CA LYS A 106 33.17 8.21 18.58
C LYS A 106 34.66 8.22 18.19
N ARG A 107 35.09 9.26 17.50
CA ARG A 107 36.48 9.36 17.06
C ARG A 107 36.87 10.83 16.93
N PRO A 108 38.19 11.10 16.91
CA PRO A 108 38.66 12.48 16.88
C PRO A 108 38.66 13.18 15.50
N MET A 109 38.71 12.45 14.40
CA MET A 109 38.58 13.10 13.09
C MET A 109 38.06 12.24 11.95
N GLY A 110 37.52 12.94 10.94
CA GLY A 110 36.96 12.34 9.75
C GLY A 110 37.19 13.29 8.60
N GLN A 111 37.01 12.81 7.39
CA GLN A 111 37.25 13.60 6.20
C GLN A 111 36.14 13.27 5.20
N PHE A 112 35.60 14.28 4.54
CA PHE A 112 34.58 14.07 3.51
C PHE A 112 34.70 15.16 2.46
N SER A 113 33.82 15.18 1.47
CA SER A 113 33.91 16.14 0.38
C SER A 113 32.60 16.87 0.18
N VAL A 114 32.67 18.08 -0.33
CA VAL A 114 31.46 18.79 -0.69
C VAL A 114 31.59 19.28 -2.13
N ASP A 115 30.48 19.30 -2.86
CA ASP A 115 30.46 19.81 -4.23
C ASP A 115 30.16 21.31 -4.26
N SER A 116 30.05 21.91 -3.07
CA SER A 116 29.76 23.34 -2.94
C SER A 116 30.09 23.86 -1.54
N LEU A 117 30.85 24.95 -1.49
CA LEU A 117 31.15 25.61 -0.23
C LEU A 117 29.89 26.19 0.45
N TYR A 118 28.73 26.03 -0.20
CA TYR A 118 27.43 26.44 0.37
C TYR A 118 26.63 25.27 0.92
N ASN A 119 27.26 24.11 0.94
CA ASN A 119 26.66 22.95 1.57
C ASN A 119 26.18 23.31 2.98
N PRO A 120 24.86 23.13 3.24
CA PRO A 120 24.24 23.40 4.53
C PRO A 120 24.83 22.61 5.70
N ASP A 121 25.11 21.33 5.52
CA ASP A 121 25.72 20.51 6.57
C ASP A 121 27.07 21.08 7.00
N LEU A 122 27.86 21.49 6.01
CA LEU A 122 29.19 22.00 6.29
C LEU A 122 29.07 23.24 7.18
N HIS A 123 28.10 24.10 6.86
CA HIS A 123 27.90 25.31 7.65
C HIS A 123 27.40 25.01 9.06
N ALA A 124 26.47 24.05 9.17
CA ALA A 124 25.95 23.63 10.47
C ALA A 124 27.04 23.02 11.34
N LEU A 125 27.91 22.23 10.71
CA LEU A 125 28.99 21.52 11.39
C LEU A 125 29.92 22.48 12.12
N CYS A 126 30.22 23.60 11.45
CA CYS A 126 31.12 24.62 11.95
C CYS A 126 30.59 25.43 13.13
N GLU A 127 29.31 25.26 13.43
CA GLU A 127 28.70 25.96 14.55
C GLU A 127 28.59 25.13 15.83
N LEU A 128 29.14 23.92 15.84
CA LEU A 128 29.13 23.06 17.03
C LEU A 128 30.33 23.31 17.95
N PRO A 129 30.14 23.20 19.27
CA PRO A 129 31.28 23.53 20.13
C PRO A 129 32.43 22.55 19.92
N ASP A 130 33.65 23.07 19.86
CA ASP A 130 34.88 22.28 19.75
C ASP A 130 34.98 21.45 18.47
N ILE A 131 34.18 21.81 17.48
CA ILE A 131 34.22 21.15 16.18
C ILE A 131 34.90 22.05 15.15
N CYS A 132 36.04 21.61 14.64
CA CYS A 132 36.77 22.35 13.61
C CYS A 132 36.79 21.64 12.25
N CYS A 133 36.76 22.43 11.18
CA CYS A 133 36.87 21.92 9.83
C CYS A 133 38.03 22.58 9.09
N LYS A 134 39.02 21.78 8.68
CA LYS A 134 40.04 22.29 7.77
C LYS A 134 39.54 22.03 6.34
N ILE A 135 39.47 23.08 5.53
CA ILE A 135 38.87 22.99 4.21
C ILE A 135 39.87 23.39 3.15
N PHE A 136 39.85 22.67 2.03
CA PHE A 136 40.68 23.04 0.88
C PHE A 136 40.20 22.37 -0.40
N PRO A 137 40.53 22.98 -1.55
CA PRO A 137 40.12 22.47 -2.86
C PRO A 137 40.59 21.03 -3.08
N LYS A 138 39.77 20.21 -3.72
CA LYS A 138 40.22 18.88 -4.06
C LYS A 138 41.22 18.95 -5.18
N GLU A 139 42.34 18.27 -4.98
CA GLU A 139 43.30 17.98 -6.04
C GLU A 139 42.58 17.53 -7.31
N ASN A 140 43.00 18.04 -8.45
CA ASN A 140 42.50 17.52 -9.72
C ASN A 140 40.99 17.64 -9.91
N ASN A 141 40.37 18.59 -9.22
CA ASN A 141 38.95 18.81 -9.38
C ASN A 141 38.61 20.29 -9.23
N ASP A 142 37.69 20.75 -10.07
CA ASP A 142 37.38 22.17 -10.20
C ASP A 142 36.36 22.69 -9.19
N PHE A 143 35.50 21.82 -8.67
CA PHE A 143 34.42 22.30 -7.82
C PHE A 143 34.43 21.68 -6.44
N LEU A 144 35.13 20.55 -6.29
CA LEU A 144 35.12 19.77 -5.07
C LEU A 144 36.07 20.34 -4.02
N TYR A 145 35.61 20.37 -2.78
CA TYR A 145 36.45 20.74 -1.64
C TYR A 145 36.53 19.59 -0.63
N ILE A 146 37.72 19.36 -0.09
CA ILE A 146 37.90 18.41 1.00
C ILE A 146 37.60 19.09 2.34
N VAL A 147 36.87 18.39 3.20
CA VAL A 147 36.66 18.84 4.57
C VAL A 147 37.22 17.85 5.58
N VAL A 148 38.15 18.32 6.39
CA VAL A 148 38.69 17.52 7.48
C VAL A 148 38.08 18.04 8.80
N VAL A 149 37.21 17.23 9.39
CA VAL A 149 36.51 17.61 10.61
C VAL A 149 37.12 16.89 11.83
N TYR A 150 37.40 17.65 12.89
CA TYR A 150 38.05 17.09 14.08
C TYR A 150 37.56 17.68 15.41
N ARG A 151 37.76 16.91 16.49
CA ARG A 151 37.46 17.37 17.86
C ARG A 151 38.59 18.27 18.32
N ASN A 152 38.26 19.52 18.63
CA ASN A 152 39.24 20.46 19.18
C ASN A 152 39.44 20.20 20.68
N ASP A 153 38.49 19.47 21.26
CA ASP A 153 38.49 19.22 22.70
C ASP A 153 39.22 17.92 23.02
N SER A 154 39.90 17.37 22.02
CA SER A 154 40.80 16.24 22.24
C SER A 154 42.09 16.54 21.49
N PRO A 155 43.24 16.30 22.14
CA PRO A 155 44.53 16.62 21.52
C PRO A 155 44.77 15.80 20.25
N LEU A 156 44.09 14.65 20.12
CA LEU A 156 44.19 13.85 18.90
C LEU A 156 43.53 14.50 17.69
N GLY A 157 42.58 15.40 17.92
CA GLY A 157 41.82 15.99 16.82
C GLY A 157 42.70 16.66 15.79
N GLU A 158 43.34 17.74 16.20
CA GLU A 158 44.20 18.52 15.32
C GLU A 158 45.38 17.69 14.81
N GLN A 159 45.97 16.90 15.69
CA GLN A 159 47.10 16.05 15.33
C GLN A 159 46.73 15.14 14.16
N ARG A 160 45.60 14.44 14.30
CA ARG A 160 45.14 13.56 13.22
C ARG A 160 44.77 14.34 11.99
N ALA A 161 44.17 15.52 12.15
CA ALA A 161 43.78 16.28 11.00
C ALA A 161 45.04 16.68 10.24
N ASN A 162 46.05 17.12 10.98
CA ASN A 162 47.31 17.49 10.38
C ASN A 162 47.98 16.29 9.70
N ARG A 163 48.00 15.17 10.40
CA ARG A 163 48.58 13.95 9.88
C ARG A 163 47.87 13.51 8.58
N PHE A 164 46.57 13.71 8.53
CA PHE A 164 45.86 13.40 7.30
C PHE A 164 46.36 14.24 6.12
N ILE A 165 46.54 15.53 6.37
CA ILE A 165 46.97 16.45 5.32
C ILE A 165 48.36 16.07 4.77
N GLU A 166 49.25 15.66 5.67
CA GLU A 166 50.55 15.12 5.27
C GLU A 166 50.41 13.87 4.42
N LEU A 167 49.60 12.92 4.86
CA LEU A 167 49.42 11.71 4.09
C LEU A 167 48.73 12.05 2.78
N TYR A 168 47.74 12.92 2.83
CA TYR A 168 47.06 13.32 1.61
C TYR A 168 48.01 13.98 0.60
N ASN A 169 48.94 14.78 1.10
CA ASN A 169 49.91 15.44 0.25
C ASN A 169 50.89 14.45 -0.36
N ILE A 170 51.27 13.44 0.43
CA ILE A 170 52.14 12.42 -0.09
C ILE A 170 51.43 11.67 -1.22
N LYS A 171 50.18 11.28 -0.97
CA LYS A 171 49.41 10.59 -2.00
C LYS A 171 49.35 11.42 -3.28
N ARG A 172 48.90 12.67 -3.17
CA ARG A 172 48.73 13.46 -4.37
C ARG A 172 50.07 13.80 -5.06
N ASP A 173 51.13 14.03 -4.28
CA ASP A 173 52.46 14.22 -4.87
C ASP A 173 52.90 13.01 -5.69
N ILE A 174 52.69 11.83 -5.12
CA ILE A 174 53.05 10.58 -5.79
C ILE A 174 52.24 10.41 -7.07
N MET A 175 50.94 10.64 -6.99
CA MET A 175 50.08 10.47 -8.14
C MET A 175 50.34 11.48 -9.26
N GLN A 176 50.68 12.71 -8.89
CA GLN A 176 51.03 13.73 -9.85
C GLN A 176 52.29 13.30 -10.61
N GLU A 177 53.26 12.79 -9.86
CA GLU A 177 54.54 12.45 -10.47
C GLU A 177 54.37 11.29 -11.42
N LEU A 178 53.69 10.26 -10.95
CA LEU A 178 53.34 9.11 -11.78
C LEU A 178 52.49 9.53 -12.99
N ASN A 179 51.53 10.43 -12.76
CA ASN A 179 50.73 10.93 -13.86
C ASN A 179 51.66 11.55 -14.91
N TYR A 180 52.68 12.25 -14.43
CA TYR A 180 53.63 12.90 -15.32
C TYR A 180 54.51 11.90 -16.06
N ALA A 181 54.99 10.87 -15.37
CA ALA A 181 56.06 10.05 -15.96
C ALA A 181 55.82 8.55 -16.03
N LEU A 182 54.78 8.07 -15.36
CA LEU A 182 54.64 6.63 -15.15
C LEU A 182 53.27 6.35 -14.54
N PRO A 183 52.24 6.31 -15.40
CA PRO A 183 50.84 6.40 -14.95
C PRO A 183 50.18 5.08 -14.53
N GLU A 184 50.75 3.95 -14.93
CA GLU A 184 50.10 2.67 -14.68
C GLU A 184 49.85 2.44 -13.19
N LEU A 185 48.59 2.21 -12.83
CA LEU A 185 48.19 1.86 -11.47
C LEU A 185 48.65 2.87 -10.44
N LYS A 186 48.76 4.13 -10.83
CA LYS A 186 49.28 5.13 -9.91
C LYS A 186 48.42 5.27 -8.66
N ALA A 187 47.10 5.14 -8.81
CA ALA A 187 46.20 5.35 -7.67
C ALA A 187 46.42 4.22 -6.66
N VAL A 188 46.40 2.98 -7.14
CA VAL A 188 46.56 1.81 -6.28
C VAL A 188 47.96 1.76 -5.68
N LYS A 189 48.99 2.10 -6.44
CA LYS A 189 50.34 2.22 -5.90
C LYS A 189 50.43 3.24 -4.75
N SER A 190 49.77 4.39 -4.91
CA SER A 190 49.84 5.44 -3.90
C SER A 190 49.05 5.02 -2.66
N GLU A 191 47.98 4.26 -2.88
CA GLU A 191 47.25 3.65 -1.75
C GLU A 191 48.14 2.69 -0.97
N MET A 192 48.98 1.92 -1.64
CA MET A 192 49.80 0.96 -0.92
C MET A 192 50.72 1.74 0.02
N ILE A 193 51.08 2.95 -0.39
CA ILE A 193 52.02 3.75 0.40
C ILE A 193 51.38 4.36 1.67
N ILE A 194 50.14 4.84 1.57
CA ILE A 194 49.58 5.59 2.71
C ILE A 194 48.28 5.04 3.32
N ALA A 195 47.73 3.98 2.73
CA ALA A 195 46.38 3.56 3.09
C ALA A 195 46.29 3.06 4.53
N ARG A 196 47.25 2.25 4.98
CA ARG A 196 47.23 1.74 6.35
C ARG A 196 47.35 2.88 7.34
N GLU A 197 48.24 3.81 7.05
CA GLU A 197 48.39 4.99 7.89
C GLU A 197 47.08 5.82 7.95
N MET A 198 46.40 5.99 6.83
CA MET A 198 45.08 6.62 6.84
C MET A 198 44.05 5.84 7.67
N GLY A 199 43.98 4.54 7.46
CA GLY A 199 43.03 3.72 8.18
C GLY A 199 43.16 3.95 9.69
N GLU A 200 44.40 3.97 10.15
CA GLU A 200 44.72 4.19 11.55
C GLU A 200 44.22 5.54 12.05
N ILE A 201 44.52 6.61 11.33
CA ILE A 201 44.11 7.93 11.81
C ILE A 201 42.59 8.11 11.70
N PHE A 202 41.93 7.37 10.81
CA PHE A 202 40.48 7.40 10.74
C PHE A 202 39.83 6.47 11.76
N SER A 203 40.63 5.81 12.59
CA SER A 203 40.10 4.94 13.64
C SER A 203 39.38 3.68 13.14
N TYR A 204 39.68 3.23 11.94
CA TYR A 204 39.02 2.03 11.46
C TYR A 204 39.55 0.86 12.26
N MET A 205 38.78 -0.21 12.31
CA MET A 205 39.23 -1.40 13.00
C MET A 205 40.39 -2.09 12.28
N PRO A 206 41.36 -2.55 13.06
CA PRO A 206 42.60 -3.16 12.53
C PRO A 206 42.28 -4.23 11.50
N GLY A 207 41.22 -5.00 11.72
CA GLY A 207 40.75 -6.00 10.77
C GLY A 207 40.28 -5.43 9.44
N GLU A 208 39.56 -4.33 9.49
CA GLU A 208 39.09 -3.70 8.25
C GLU A 208 40.25 -3.09 7.45
N ILE A 209 41.25 -2.60 8.16
CA ILE A 209 42.43 -2.05 7.50
C ILE A 209 43.24 -3.16 6.80
N ASP A 210 43.45 -4.29 7.49
CA ASP A 210 44.12 -5.43 6.86
C ASP A 210 43.38 -5.83 5.61
N SER A 211 42.07 -5.97 5.74
CA SER A 211 41.28 -6.38 4.61
C SER A 211 41.40 -5.38 3.44
N TYR A 212 41.58 -4.09 3.74
CA TYR A 212 41.74 -3.10 2.66
C TYR A 212 43.12 -3.21 2.00
N MET A 213 44.16 -3.45 2.80
CA MET A 213 45.50 -3.62 2.27
C MET A 213 45.55 -4.86 1.38
N LYS A 214 44.83 -5.92 1.74
CA LYS A 214 44.75 -7.10 0.89
C LYS A 214 44.04 -6.84 -0.45
N TYR A 215 42.97 -6.05 -0.41
CA TYR A 215 42.32 -5.58 -1.63
C TYR A 215 43.27 -4.74 -2.53
N ILE A 216 44.01 -3.80 -1.94
CA ILE A 216 45.00 -3.02 -2.68
C ILE A 216 46.09 -3.95 -3.24
N ASN A 217 46.58 -4.86 -2.39
CA ASN A 217 47.60 -5.79 -2.82
C ASN A 217 47.16 -6.59 -4.05
N ASN A 218 45.94 -7.12 -4.01
CA ASN A 218 45.40 -7.83 -5.16
C ASN A 218 45.40 -7.02 -6.44
N LYS A 219 44.95 -5.78 -6.36
CA LYS A 219 45.05 -4.85 -7.49
C LYS A 219 46.43 -4.80 -8.20
N LEU A 220 47.49 -5.22 -7.51
CA LEU A 220 48.84 -5.42 -8.10
C LEU A 220 48.87 -6.25 -9.40
N LYS B 17 -1.07 17.27 32.86
CA LYS B 17 -1.09 17.63 31.45
C LYS B 17 0.02 16.94 30.66
N TYR B 18 1.21 16.84 31.26
CA TYR B 18 2.36 16.28 30.56
C TYR B 18 2.12 14.83 30.14
N ALA B 19 1.31 14.10 30.90
CA ALA B 19 0.91 12.75 30.53
C ALA B 19 -0.02 12.77 29.31
N GLU B 20 -0.71 13.88 29.12
CA GLU B 20 -1.51 14.05 27.93
C GLU B 20 -0.58 14.50 26.81
N HIS B 21 0.34 15.39 27.16
CA HIS B 21 1.23 15.97 26.16
C HIS B 21 2.21 14.98 25.51
N VAL B 22 2.95 14.21 26.31
CA VAL B 22 3.95 13.32 25.71
C VAL B 22 3.32 12.40 24.67
N VAL B 23 2.08 11.97 24.90
CA VAL B 23 1.43 11.09 23.97
C VAL B 23 1.01 11.83 22.71
N LYS B 24 0.37 12.99 22.88
CA LYS B 24 -0.06 13.75 21.72
C LYS B 24 1.15 14.15 20.89
N ASN B 25 2.28 14.30 21.57
CA ASN B 25 3.55 14.58 20.90
C ASN B 25 3.89 13.55 19.84
N ILE B 26 3.81 12.29 20.21
CA ILE B 26 4.26 11.20 19.34
C ILE B 26 3.12 10.57 18.56
N TYR B 27 1.89 10.91 18.94
CA TYR B 27 0.69 10.29 18.38
C TYR B 27 -0.39 11.36 18.35
N PRO B 28 -0.28 12.29 17.40
CA PRO B 28 -1.11 13.50 17.41
C PRO B 28 -2.56 13.19 17.10
N GLU B 29 -2.80 12.17 16.28
CA GLU B 29 -4.15 11.79 15.84
C GLU B 29 -4.85 10.83 16.80
N ILE B 30 -4.34 10.71 18.02
CA ILE B 30 -4.96 9.80 18.98
C ILE B 30 -6.37 10.25 19.39
N LYS B 31 -7.27 9.28 19.52
CA LYS B 31 -8.63 9.56 19.99
C LYS B 31 -8.62 10.22 21.36
N HIS B 32 -9.23 11.40 21.46
CA HIS B 32 -9.23 12.18 22.68
C HIS B 32 -9.84 11.44 23.88
N ASP B 33 -10.81 10.57 23.61
CA ASP B 33 -11.41 9.71 24.64
C ASP B 33 -10.37 8.96 25.45
N TYR B 34 -9.30 8.54 24.76
CA TYR B 34 -8.17 7.86 25.36
C TYR B 34 -7.78 8.45 26.72
N PHE B 35 -7.71 9.77 26.79
CA PHE B 35 -7.19 10.43 27.97
C PHE B 35 -8.22 10.53 29.10
N ASN B 36 -9.49 10.31 28.76
CA ASN B 36 -10.54 10.32 29.78
C ASN B 36 -10.69 8.95 30.45
N GLU B 37 -9.92 7.97 29.98
CA GLU B 37 -9.95 6.65 30.59
C GLU B 37 -8.92 6.59 31.71
N SER B 38 -9.09 5.62 32.60
CA SER B 38 -8.09 5.37 33.62
C SER B 38 -6.92 4.61 33.01
N PRO B 39 -5.72 4.86 33.51
CA PRO B 39 -4.55 4.09 33.11
C PRO B 39 -4.83 2.61 33.26
N ASN B 40 -4.43 1.80 32.28
CA ASN B 40 -4.59 0.34 32.39
C ASN B 40 -3.41 -0.29 33.13
N ILE B 41 -3.45 -1.60 33.30
CA ILE B 41 -2.43 -2.29 34.08
C ILE B 41 -1.03 -2.01 33.50
N TYR B 42 -0.94 -1.84 32.18
CA TYR B 42 0.33 -1.61 31.54
C TYR B 42 0.80 -0.15 31.72
N ASP B 43 -0.09 0.80 31.52
CA ASP B 43 0.25 2.21 31.75
C ASP B 43 0.75 2.46 33.18
N LYS B 44 0.25 1.68 34.13
CA LYS B 44 0.49 1.98 35.55
C LYS B 44 1.95 1.77 35.97
N LYS B 45 2.72 1.09 35.12
CA LYS B 45 4.17 1.03 35.26
C LYS B 45 4.82 2.41 35.15
N TYR B 46 4.17 3.31 34.42
CA TYR B 46 4.80 4.55 33.97
C TYR B 46 4.10 5.79 34.46
N ILE B 47 2.80 5.68 34.72
CA ILE B 47 2.03 6.81 35.22
C ILE B 47 1.14 6.42 36.39
N SER B 48 0.62 7.42 37.09
CA SER B 48 -0.42 7.20 38.10
C SER B 48 -1.40 8.38 38.07
N GLY B 49 -2.69 8.07 38.20
CA GLY B 49 -3.72 9.09 38.11
C GLY B 49 -5.11 8.52 37.86
N ILE B 50 -6.13 9.32 38.14
CA ILE B 50 -7.51 8.88 38.05
C ILE B 50 -7.86 8.58 36.58
N THR B 51 -7.44 9.48 35.70
CA THR B 51 -7.50 9.26 34.26
C THR B 51 -6.12 9.53 33.68
N ARG B 52 -5.93 9.12 32.43
CA ARG B 52 -4.63 9.32 31.79
C ARG B 52 -4.30 10.80 31.62
N GLY B 53 -5.29 11.59 31.22
CA GLY B 53 -5.09 13.01 30.96
C GLY B 53 -4.38 13.74 32.08
N VAL B 54 -4.87 13.54 33.30
CA VAL B 54 -4.37 14.27 34.46
C VAL B 54 -3.36 13.44 35.24
N ALA B 55 -2.89 12.36 34.62
CA ALA B 55 -1.91 11.50 35.26
C ALA B 55 -0.55 12.17 35.41
N GLU B 56 0.20 11.68 36.38
CA GLU B 56 1.57 12.12 36.60
C GLU B 56 2.54 11.07 36.05
N LEU B 57 3.58 11.53 35.38
CA LEU B 57 4.62 10.65 34.90
C LEU B 57 5.53 10.34 36.07
N LYS B 58 5.84 9.08 36.29
CA LYS B 58 6.80 8.73 37.34
C LYS B 58 8.18 9.22 36.92
N GLN B 59 8.89 9.85 37.86
CA GLN B 59 10.20 10.43 37.53
C GLN B 59 11.14 9.32 37.12
N GLU B 60 11.05 8.21 37.84
CA GLU B 60 12.00 7.13 37.65
C GLU B 60 11.57 6.25 36.48
N GLU B 61 10.35 5.73 36.54
CA GLU B 61 9.92 4.69 35.60
C GLU B 61 9.67 5.23 34.21
N PHE B 62 9.29 6.49 34.10
CA PHE B 62 9.12 7.07 32.79
C PHE B 62 10.22 8.07 32.44
N VAL B 63 10.27 9.18 33.18
CA VAL B 63 11.14 10.32 32.87
C VAL B 63 12.61 9.97 32.79
N ASN B 64 13.16 9.43 33.87
CA ASN B 64 14.55 8.99 33.89
C ASN B 64 14.83 7.85 32.92
N GLU B 65 13.91 6.88 32.87
CA GLU B 65 14.08 5.70 32.02
C GLU B 65 14.16 6.12 30.56
N LYS B 66 13.28 7.04 30.16
CA LYS B 66 13.27 7.59 28.81
C LYS B 66 14.62 8.26 28.51
N ALA B 67 15.12 9.04 29.46
CA ALA B 67 16.42 9.68 29.29
C ALA B 67 17.53 8.64 29.15
N ARG B 68 17.49 7.61 29.99
CA ARG B 68 18.51 6.57 29.89
C ARG B 68 18.47 5.85 28.54
N ARG B 69 17.28 5.43 28.14
CA ARG B 69 17.11 4.71 26.88
C ARG B 69 17.49 5.58 25.67
N PHE B 70 17.08 6.84 25.70
CA PHE B 70 17.36 7.75 24.60
C PHE B 70 18.86 7.92 24.42
N SER B 71 19.56 8.05 25.55
CA SER B 71 21.01 8.19 25.55
C SER B 71 21.70 6.92 25.01
N TYR B 72 21.18 5.75 25.38
CA TYR B 72 21.68 4.50 24.83
C TYR B 72 21.41 4.41 23.30
N MET B 73 20.24 4.87 22.86
CA MET B 73 19.90 4.88 21.44
C MET B 73 20.79 5.79 20.59
N LYS B 74 21.15 6.96 21.11
CA LYS B 74 22.06 7.83 20.39
C LYS B 74 23.40 7.11 20.18
N THR B 75 23.76 6.30 21.15
CA THR B 75 24.94 5.46 21.08
C THR B 75 24.93 4.52 19.86
N MET B 76 23.74 3.99 19.57
CA MET B 76 23.55 3.02 18.50
C MET B 76 23.12 3.65 17.18
N TYR B 77 22.96 4.96 17.18
CA TYR B 77 22.38 5.63 16.01
C TYR B 77 23.41 5.88 14.94
N SER B 78 23.01 5.65 13.69
CA SER B 78 23.90 5.91 12.58
C SER B 78 23.13 6.34 11.35
N VAL B 79 23.87 6.65 10.29
CA VAL B 79 23.30 7.15 9.05
C VAL B 79 22.87 6.02 8.10
N CYS B 80 22.01 6.33 7.13
CA CYS B 80 21.67 5.39 6.08
C CYS B 80 22.82 5.29 5.05
N PRO B 81 23.10 4.09 4.55
CA PRO B 81 24.17 3.92 3.57
C PRO B 81 23.70 4.41 2.21
N GLU B 82 24.61 4.45 1.25
CA GLU B 82 24.27 4.93 -0.08
C GLU B 82 23.14 4.05 -0.60
N ALA B 83 23.29 2.75 -0.40
CA ALA B 83 22.25 1.81 -0.77
C ALA B 83 22.09 0.73 0.30
N PHE B 84 20.83 0.50 0.68
CA PHE B 84 20.50 -0.55 1.63
C PHE B 84 20.79 -1.96 1.10
N GLU B 85 21.42 -2.79 1.93
CA GLU B 85 21.47 -4.23 1.70
C GLU B 85 20.51 -4.93 2.65
N PRO B 86 19.96 -6.08 2.24
CA PRO B 86 19.05 -6.80 3.13
C PRO B 86 19.70 -7.16 4.47
N ILE B 87 18.92 -7.13 5.55
CA ILE B 87 19.33 -7.65 6.83
C ILE B 87 18.79 -9.06 6.97
N SER B 88 19.26 -9.77 7.97
CA SER B 88 18.63 -11.04 8.33
C SER B 88 17.43 -10.76 9.23
N ARG B 89 16.34 -11.49 8.97
CA ARG B 89 15.18 -11.55 9.86
C ARG B 89 15.61 -11.83 11.31
N ASN B 90 16.71 -12.59 11.47
CA ASN B 90 17.30 -12.84 12.79
C ASN B 90 17.63 -11.58 13.59
N GLU B 91 17.87 -10.48 12.89
CA GLU B 91 18.22 -9.24 13.57
C GLU B 91 17.01 -8.42 14.01
N ALA B 92 15.82 -8.81 13.54
CA ALA B 92 14.59 -8.08 13.85
C ALA B 92 13.47 -8.99 14.34
N SER B 93 13.79 -9.83 15.32
CA SER B 93 12.82 -10.81 15.83
C SER B 93 12.32 -10.50 17.24
N THR B 94 12.83 -9.41 17.81
CA THR B 94 12.39 -8.90 19.10
C THR B 94 12.08 -7.45 18.88
N PRO B 95 11.32 -6.84 19.79
CA PRO B 95 11.08 -5.41 19.60
C PRO B 95 12.37 -4.59 19.50
N GLU B 96 13.33 -4.85 20.38
CA GLU B 96 14.57 -4.08 20.40
C GLU B 96 15.31 -4.20 19.07
N GLY B 97 15.42 -5.44 18.58
CA GLY B 97 16.02 -5.69 17.29
C GLY B 97 15.29 -4.95 16.18
N SER B 98 13.97 -4.87 16.29
CA SER B 98 13.15 -4.21 15.29
C SER B 98 13.49 -2.74 15.11
N TRP B 99 13.78 -2.04 16.20
CA TRP B 99 14.13 -0.64 16.05
C TRP B 99 15.62 -0.37 15.97
N LEU B 100 16.42 -1.27 16.55
CA LEU B 100 17.86 -1.14 16.48
C LEU B 100 18.35 -1.15 15.02
N THR B 101 17.82 -2.08 14.22
CA THR B 101 18.21 -2.19 12.83
C THR B 101 17.81 -0.94 12.03
N VAL B 102 16.79 -0.25 12.49
CA VAL B 102 16.40 1.00 11.84
C VAL B 102 17.29 2.20 12.27
N ILE B 103 17.46 2.40 13.58
CA ILE B 103 18.23 3.57 14.05
C ILE B 103 19.71 3.50 13.71
N SER B 104 20.25 2.29 13.58
CA SER B 104 21.63 2.11 13.17
C SER B 104 21.79 2.19 11.65
N GLY B 105 20.71 2.46 10.93
CA GLY B 105 20.79 2.71 9.50
C GLY B 105 20.88 1.48 8.63
N LYS B 106 20.67 0.30 9.21
CA LYS B 106 20.74 -0.95 8.46
C LYS B 106 19.57 -1.14 7.49
N ARG B 107 18.42 -0.52 7.79
CA ARG B 107 17.22 -0.64 6.96
C ARG B 107 16.27 0.52 7.24
N PRO B 108 15.38 0.83 6.28
CA PRO B 108 14.53 2.03 6.42
C PRO B 108 13.28 1.89 7.32
N MET B 109 12.82 0.68 7.60
CA MET B 109 11.56 0.55 8.34
C MET B 109 11.50 -0.73 9.18
N GLY B 110 10.78 -0.65 10.29
CA GLY B 110 10.66 -1.76 11.21
C GLY B 110 9.36 -1.63 11.98
N GLN B 111 8.87 -2.74 12.50
CA GLN B 111 7.60 -2.73 13.19
C GLN B 111 7.65 -3.59 14.45
N PHE B 112 7.09 -3.07 15.51
CA PHE B 112 6.92 -3.81 16.75
C PHE B 112 5.62 -3.34 17.39
N SER B 113 5.39 -3.73 18.64
CA SER B 113 4.20 -3.28 19.34
C SER B 113 4.47 -3.03 20.80
N VAL B 114 3.62 -2.22 21.42
CA VAL B 114 3.77 -1.89 22.82
C VAL B 114 2.45 -2.15 23.55
N ASP B 115 2.53 -2.50 24.84
CA ASP B 115 1.30 -2.70 25.61
C ASP B 115 0.86 -1.41 26.32
N SER B 116 1.63 -0.33 26.11
CA SER B 116 1.34 0.98 26.70
C SER B 116 1.95 2.11 25.84
N LEU B 117 1.16 3.15 25.61
CA LEU B 117 1.61 4.31 24.87
C LEU B 117 2.59 5.15 25.68
N TYR B 118 2.87 4.69 26.90
CA TYR B 118 3.86 5.34 27.76
C TYR B 118 5.13 4.49 27.86
N ASN B 119 5.22 3.47 27.02
CA ASN B 119 6.49 2.75 26.85
C ASN B 119 7.60 3.77 26.65
N PRO B 120 8.60 3.78 27.56
CA PRO B 120 9.74 4.70 27.44
C PRO B 120 10.55 4.55 26.12
N ASP B 121 10.79 3.32 25.64
CA ASP B 121 11.53 3.11 24.38
C ASP B 121 10.84 3.82 23.22
N LEU B 122 9.52 3.66 23.14
CA LEU B 122 8.72 4.35 22.13
C LEU B 122 9.00 5.86 22.15
N HIS B 123 9.00 6.45 23.34
CA HIS B 123 9.20 7.89 23.47
C HIS B 123 10.65 8.30 23.17
N ALA B 124 11.59 7.46 23.60
CA ALA B 124 13.00 7.71 23.39
C ALA B 124 13.30 7.72 21.89
N LEU B 125 12.80 6.70 21.18
CA LEU B 125 12.88 6.63 19.71
C LEU B 125 12.42 7.90 19.01
N CYS B 126 11.30 8.44 19.44
CA CYS B 126 10.75 9.62 18.75
C CYS B 126 11.59 10.88 18.95
N GLU B 127 12.62 10.80 19.79
CA GLU B 127 13.46 11.97 19.97
C GLU B 127 14.70 11.93 19.09
N LEU B 128 14.97 10.79 18.49
CA LEU B 128 16.15 10.68 17.64
C LEU B 128 15.89 11.47 16.38
N PRO B 129 16.90 12.18 15.90
CA PRO B 129 16.67 12.99 14.69
C PRO B 129 16.28 12.08 13.52
N ASP B 130 15.26 12.47 12.75
CA ASP B 130 14.87 11.77 11.53
C ASP B 130 14.31 10.35 11.76
N ILE B 131 13.90 10.06 12.98
CA ILE B 131 13.26 8.80 13.25
C ILE B 131 11.80 9.09 13.56
N CYS B 132 10.90 8.48 12.80
CA CYS B 132 9.48 8.70 13.00
C CYS B 132 8.74 7.41 13.33
N CYS B 133 7.64 7.54 14.05
CA CYS B 133 6.79 6.39 14.33
C CYS B 133 5.37 6.67 13.89
N LYS B 134 4.80 5.74 13.15
CA LYS B 134 3.37 5.68 12.96
C LYS B 134 2.80 4.70 13.97
N ILE B 135 1.76 5.13 14.67
CA ILE B 135 1.16 4.39 15.77
C ILE B 135 -0.33 4.23 15.51
N PHE B 136 -0.86 3.03 15.73
CA PHE B 136 -2.30 2.79 15.63
C PHE B 136 -2.64 1.56 16.46
N PRO B 137 -3.88 1.48 16.97
CA PRO B 137 -4.31 0.40 17.87
C PRO B 137 -4.34 -0.99 17.21
N LYS B 138 -3.98 -2.01 17.97
CA LYS B 138 -4.01 -3.37 17.45
C LYS B 138 -5.42 -3.82 17.09
N GLU B 139 -5.53 -4.57 16.01
CA GLU B 139 -6.81 -5.02 15.46
C GLU B 139 -7.85 -5.50 16.49
N ASN B 140 -7.58 -6.64 17.12
CA ASN B 140 -8.49 -7.19 18.13
C ASN B 140 -8.37 -6.46 19.45
N ASN B 141 -7.11 -6.21 19.83
CA ASN B 141 -6.77 -5.73 21.14
C ASN B 141 -7.43 -4.42 21.56
N ASP B 142 -7.52 -4.23 22.87
CA ASP B 142 -7.91 -2.95 23.42
C ASP B 142 -6.72 -2.36 24.16
N PHE B 143 -5.62 -3.10 24.19
CA PHE B 143 -4.43 -2.68 24.93
C PHE B 143 -3.20 -2.42 24.04
N LEU B 144 -3.01 -3.27 23.04
CA LEU B 144 -1.81 -3.22 22.21
C LEU B 144 -1.87 -2.17 21.11
N TYR B 145 -0.70 -1.59 20.84
CA TYR B 145 -0.52 -0.64 19.76
C TYR B 145 0.63 -1.08 18.89
N ILE B 146 0.41 -0.99 17.59
CA ILE B 146 1.41 -1.30 16.60
C ILE B 146 2.26 -0.06 16.39
N VAL B 147 3.57 -0.24 16.33
CA VAL B 147 4.49 0.87 16.10
C VAL B 147 5.30 0.61 14.84
N VAL B 148 5.20 1.53 13.89
CA VAL B 148 5.92 1.41 12.64
C VAL B 148 7.01 2.47 12.66
N VAL B 149 8.24 2.03 12.84
CA VAL B 149 9.34 2.96 12.99
C VAL B 149 10.10 3.07 11.68
N TYR B 150 10.50 4.28 11.32
CA TYR B 150 11.14 4.46 10.03
C TYR B 150 12.09 5.64 9.97
N ARG B 151 12.96 5.58 8.97
CA ARG B 151 13.96 6.59 8.68
C ARG B 151 13.36 7.70 7.84
N ASN B 152 13.10 8.85 8.48
CA ASN B 152 12.61 9.99 7.74
C ASN B 152 13.67 10.57 6.77
N ASP B 153 14.93 10.27 7.04
CA ASP B 153 16.04 10.71 6.17
C ASP B 153 16.33 9.77 5.00
N SER B 154 15.46 8.79 4.78
CA SER B 154 15.56 7.94 3.60
C SER B 154 14.27 8.02 2.80
N PRO B 155 14.38 8.11 1.47
CA PRO B 155 13.17 8.09 0.64
C PRO B 155 12.32 6.81 0.77
N LEU B 156 12.89 5.74 1.33
CA LEU B 156 12.12 4.50 1.52
C LEU B 156 11.37 4.41 2.86
N GLY B 157 11.76 5.27 3.81
CA GLY B 157 11.26 5.22 5.17
C GLY B 157 9.76 5.36 5.32
N GLU B 158 9.27 6.57 5.12
CA GLU B 158 7.83 6.80 5.18
C GLU B 158 7.06 5.93 4.18
N GLN B 159 7.63 5.77 2.99
CA GLN B 159 6.98 5.00 1.94
C GLN B 159 6.71 3.57 2.41
N ARG B 160 7.69 2.95 3.05
CA ARG B 160 7.53 1.58 3.53
C ARG B 160 6.62 1.50 4.74
N ALA B 161 6.65 2.53 5.58
CA ALA B 161 5.72 2.62 6.70
C ALA B 161 4.30 2.66 6.16
N ASN B 162 4.05 3.51 5.18
CA ASN B 162 2.73 3.59 4.58
C ASN B 162 2.34 2.30 3.85
N ARG B 163 3.31 1.66 3.21
CA ARG B 163 3.07 0.39 2.55
C ARG B 163 2.71 -0.71 3.58
N PHE B 164 3.35 -0.68 4.75
CA PHE B 164 3.01 -1.63 5.80
C PHE B 164 1.54 -1.50 6.14
N ILE B 165 1.10 -0.26 6.35
CA ILE B 165 -0.30 0.02 6.63
C ILE B 165 -1.22 -0.57 5.56
N GLU B 166 -0.86 -0.38 4.29
CA GLU B 166 -1.68 -0.86 3.18
C GLU B 166 -1.78 -2.37 3.19
N LEU B 167 -0.65 -3.04 3.41
CA LEU B 167 -0.63 -4.51 3.44
C LEU B 167 -1.36 -5.06 4.67
N TYR B 168 -1.26 -4.33 5.77
CA TYR B 168 -1.94 -4.69 7.01
C TYR B 168 -3.46 -4.68 6.83
N ASN B 169 -3.96 -3.63 6.16
CA ASN B 169 -5.39 -3.51 5.88
C ASN B 169 -5.89 -4.56 4.90
N ILE B 170 -5.07 -4.91 3.94
CA ILE B 170 -5.43 -5.97 3.02
C ILE B 170 -5.61 -7.28 3.78
N LYS B 171 -4.64 -7.59 4.66
CA LYS B 171 -4.71 -8.78 5.48
C LYS B 171 -6.04 -8.80 6.27
N ARG B 172 -6.37 -7.68 6.89
CA ARG B 172 -7.65 -7.56 7.61
C ARG B 172 -8.87 -7.79 6.71
N ASP B 173 -8.91 -7.14 5.56
CA ASP B 173 -9.99 -7.35 4.61
C ASP B 173 -10.16 -8.84 4.34
N ILE B 174 -9.06 -9.50 4.05
CA ILE B 174 -9.12 -10.92 3.78
C ILE B 174 -9.62 -11.73 4.98
N MET B 175 -9.04 -11.48 6.15
CA MET B 175 -9.52 -12.10 7.38
C MET B 175 -11.02 -11.95 7.52
N GLN B 176 -11.50 -10.72 7.39
CA GLN B 176 -12.92 -10.42 7.35
C GLN B 176 -13.67 -11.25 6.32
N GLU B 177 -13.10 -11.34 5.12
CA GLU B 177 -13.70 -12.09 4.03
C GLU B 177 -13.81 -13.58 4.38
N LEU B 178 -12.78 -14.10 5.05
CA LEU B 178 -12.73 -15.52 5.38
C LEU B 178 -13.41 -15.82 6.72
N ASN B 179 -13.56 -14.80 7.56
CA ASN B 179 -14.22 -14.97 8.85
C ASN B 179 -15.65 -15.43 8.61
N TYR B 180 -16.39 -14.64 7.84
CA TYR B 180 -17.74 -15.03 7.47
C TYR B 180 -17.74 -16.34 6.69
N ALA B 181 -17.21 -16.30 5.48
CA ALA B 181 -17.43 -17.35 4.49
C ALA B 181 -16.57 -18.63 4.62
N LEU B 182 -15.39 -18.53 5.21
CA LEU B 182 -14.46 -19.67 5.20
C LEU B 182 -13.41 -19.60 6.33
N PRO B 183 -13.84 -19.80 7.59
CA PRO B 183 -13.02 -19.50 8.77
C PRO B 183 -11.81 -20.42 8.97
N GLU B 184 -11.75 -21.53 8.24
CA GLU B 184 -10.66 -22.48 8.44
C GLU B 184 -9.29 -21.96 7.97
N LEU B 185 -8.42 -21.67 8.95
CA LEU B 185 -7.05 -21.22 8.67
C LEU B 185 -7.02 -19.83 8.05
N LYS B 186 -7.95 -18.97 8.45
CA LYS B 186 -8.07 -17.66 7.84
C LYS B 186 -6.83 -16.80 8.12
N ALA B 187 -6.31 -16.88 9.34
CA ALA B 187 -5.10 -16.15 9.71
C ALA B 187 -3.91 -16.53 8.83
N VAL B 188 -3.66 -17.82 8.65
CA VAL B 188 -2.52 -18.27 7.86
C VAL B 188 -2.72 -17.97 6.38
N LYS B 189 -3.97 -18.03 5.92
CA LYS B 189 -4.29 -17.74 4.53
C LYS B 189 -4.14 -16.25 4.24
N SER B 190 -4.61 -15.42 5.15
CA SER B 190 -4.59 -13.98 4.94
C SER B 190 -3.17 -13.48 5.11
N GLU B 191 -2.41 -14.21 5.92
CA GLU B 191 -0.99 -13.94 6.08
C GLU B 191 -0.20 -14.20 4.78
N MET B 192 -0.56 -15.26 4.05
CA MET B 192 0.21 -15.62 2.87
C MET B 192 -0.01 -14.61 1.76
N ILE B 193 -1.15 -13.95 1.81
CA ILE B 193 -1.49 -12.95 0.80
C ILE B 193 -0.45 -11.83 0.75
N ILE B 194 0.01 -11.41 1.92
CA ILE B 194 0.88 -10.25 2.00
C ILE B 194 2.28 -10.58 2.47
N ALA B 195 2.55 -11.84 2.81
CA ALA B 195 3.79 -12.20 3.47
C ALA B 195 5.04 -11.82 2.70
N ARG B 196 5.09 -12.16 1.41
CA ARG B 196 6.25 -11.81 0.60
C ARG B 196 6.49 -10.31 0.56
N GLU B 197 5.41 -9.55 0.45
CA GLU B 197 5.50 -8.12 0.34
C GLU B 197 5.93 -7.49 1.68
N MET B 198 5.45 -8.04 2.78
CA MET B 198 5.89 -7.60 4.10
C MET B 198 7.37 -7.87 4.23
N GLY B 199 7.78 -9.09 3.88
CA GLY B 199 9.17 -9.48 3.99
C GLY B 199 10.07 -8.50 3.30
N GLU B 200 9.66 -8.06 2.10
CA GLU B 200 10.45 -7.15 1.28
C GLU B 200 10.60 -5.74 1.87
N ILE B 201 9.50 -5.18 2.35
CA ILE B 201 9.56 -3.85 2.98
C ILE B 201 10.29 -3.89 4.34
N PHE B 202 10.32 -5.06 4.98
CA PHE B 202 11.12 -5.24 6.20
C PHE B 202 12.60 -5.50 5.89
N SER B 203 12.93 -5.54 4.60
CA SER B 203 14.30 -5.77 4.13
C SER B 203 14.91 -7.15 4.45
N TYR B 204 14.09 -8.17 4.61
CA TYR B 204 14.63 -9.50 4.90
C TYR B 204 15.36 -10.04 3.67
N MET B 205 16.30 -10.95 3.92
CA MET B 205 16.95 -11.62 2.81
C MET B 205 15.95 -12.40 1.96
N PRO B 206 16.11 -12.33 0.64
CA PRO B 206 15.26 -13.01 -0.34
C PRO B 206 15.04 -14.48 0.03
N GLY B 207 16.12 -15.15 0.44
CA GLY B 207 16.11 -16.54 0.85
C GLY B 207 15.26 -16.78 2.08
N GLU B 208 15.36 -15.87 3.04
CA GLU B 208 14.54 -15.98 4.24
C GLU B 208 13.08 -15.78 3.95
N ILE B 209 12.75 -14.93 2.98
CA ILE B 209 11.36 -14.69 2.59
C ILE B 209 10.75 -15.90 1.89
N ASP B 210 11.53 -16.53 1.00
CA ASP B 210 11.12 -17.75 0.31
C ASP B 210 10.85 -18.87 1.31
N SER B 211 11.83 -19.12 2.15
CA SER B 211 11.73 -20.09 3.23
C SER B 211 10.44 -19.89 4.00
N TYR B 212 10.14 -18.65 4.37
CA TYR B 212 8.92 -18.34 5.14
C TYR B 212 7.66 -18.66 4.34
N MET B 213 7.64 -18.25 3.07
CA MET B 213 6.52 -18.58 2.19
C MET B 213 6.28 -20.09 2.13
N LYS B 214 7.36 -20.85 2.02
CA LYS B 214 7.27 -22.29 1.96
C LYS B 214 6.65 -22.84 3.24
N TYR B 215 7.16 -22.40 4.39
CA TYR B 215 6.61 -22.84 5.68
C TYR B 215 5.15 -22.45 5.86
N ILE B 216 4.78 -21.30 5.30
CA ILE B 216 3.43 -20.79 5.45
C ILE B 216 2.50 -21.66 4.60
N ASN B 217 2.97 -21.98 3.40
CA ASN B 217 2.17 -22.76 2.47
C ASN B 217 1.96 -24.21 2.91
N ASN B 218 3.00 -24.88 3.37
CA ASN B 218 2.82 -26.19 3.98
C ASN B 218 1.62 -26.19 4.92
N LYS B 219 1.57 -25.20 5.81
CA LYS B 219 0.47 -25.12 6.78
C LYS B 219 -0.92 -25.05 6.11
N HIS C 21 -40.81 5.80 -10.45
CA HIS C 21 -41.85 6.46 -9.64
C HIS C 21 -41.22 7.33 -8.55
N VAL C 22 -40.93 6.72 -7.42
CA VAL C 22 -40.14 7.36 -6.37
C VAL C 22 -38.69 7.52 -6.87
N VAL C 23 -38.29 6.64 -7.77
CA VAL C 23 -36.95 6.69 -8.37
C VAL C 23 -36.91 7.73 -9.47
N LYS C 24 -37.95 7.76 -10.30
CA LYS C 24 -38.04 8.72 -11.38
C LYS C 24 -37.88 10.14 -10.84
N ASN C 25 -38.31 10.33 -9.60
CA ASN C 25 -38.26 11.63 -8.96
C ASN C 25 -36.86 12.10 -8.62
N ILE C 26 -36.01 11.19 -8.15
CA ILE C 26 -34.63 11.57 -7.82
C ILE C 26 -33.65 11.29 -8.94
N TYR C 27 -34.12 10.62 -9.99
CA TYR C 27 -33.23 10.15 -11.05
C TYR C 27 -33.96 10.21 -12.40
N PRO C 28 -34.30 11.43 -12.85
CA PRO C 28 -35.12 11.69 -14.05
C PRO C 28 -34.67 10.95 -15.31
N GLU C 29 -33.37 10.88 -15.55
CA GLU C 29 -32.86 10.31 -16.79
C GLU C 29 -32.47 8.83 -16.65
N ILE C 30 -33.11 8.12 -15.72
CA ILE C 30 -32.89 6.69 -15.59
C ILE C 30 -33.43 5.93 -16.80
N LYS C 31 -32.73 4.88 -17.21
CA LYS C 31 -33.20 4.04 -18.32
C LYS C 31 -34.49 3.35 -17.91
N HIS C 32 -35.49 3.39 -18.76
CA HIS C 32 -36.79 2.82 -18.42
C HIS C 32 -36.73 1.29 -18.27
N ASP C 33 -35.83 0.65 -19.02
CA ASP C 33 -35.57 -0.78 -18.87
C ASP C 33 -35.55 -1.15 -17.40
N TYR C 34 -34.93 -0.28 -16.61
CA TYR C 34 -34.69 -0.50 -15.18
C TYR C 34 -35.90 -1.08 -14.47
N PHE C 35 -37.08 -0.54 -14.80
CA PHE C 35 -38.29 -0.86 -14.05
C PHE C 35 -38.95 -2.15 -14.53
N ASN C 36 -38.64 -2.55 -15.76
CA ASN C 36 -39.14 -3.81 -16.29
C ASN C 36 -38.35 -5.00 -15.75
N GLU C 37 -37.14 -4.74 -15.25
CA GLU C 37 -36.35 -5.78 -14.60
C GLU C 37 -36.91 -6.09 -13.21
N SER C 38 -36.54 -7.22 -12.65
CA SER C 38 -37.02 -7.59 -11.33
C SER C 38 -36.16 -6.98 -10.23
N PRO C 39 -36.74 -6.77 -9.04
CA PRO C 39 -35.92 -6.34 -7.91
C PRO C 39 -34.71 -7.25 -7.75
N ASN C 40 -33.52 -6.67 -7.57
CA ASN C 40 -32.36 -7.48 -7.25
C ASN C 40 -32.32 -7.73 -5.76
N ILE C 41 -31.32 -8.51 -5.32
CA ILE C 41 -31.22 -8.89 -3.93
C ILE C 41 -31.17 -7.66 -3.01
N TYR C 42 -30.58 -6.57 -3.50
CA TYR C 42 -30.47 -5.35 -2.69
C TYR C 42 -31.80 -4.58 -2.65
N ASP C 43 -32.42 -4.41 -3.81
CA ASP C 43 -33.75 -3.78 -3.87
C ASP C 43 -34.72 -4.48 -2.91
N LYS C 44 -34.56 -5.80 -2.76
CA LYS C 44 -35.54 -6.61 -2.02
C LYS C 44 -35.64 -6.28 -0.54
N LYS C 45 -34.65 -5.58 -0.01
CA LYS C 45 -34.74 -5.08 1.36
C LYS C 45 -35.78 -3.97 1.48
N TYR C 46 -36.14 -3.37 0.35
CA TYR C 46 -36.92 -2.13 0.35
C TYR C 46 -38.24 -2.22 -0.40
N ILE C 47 -38.31 -3.14 -1.36
CA ILE C 47 -39.52 -3.29 -2.17
C ILE C 47 -39.86 -4.77 -2.42
N SER C 48 -40.99 -4.97 -3.10
CA SER C 48 -41.46 -6.31 -3.49
C SER C 48 -42.33 -6.23 -4.73
N GLY C 49 -42.25 -7.24 -5.59
CA GLY C 49 -42.98 -7.23 -6.84
C GLY C 49 -42.24 -8.01 -7.90
N ILE C 50 -42.90 -8.30 -9.02
CA ILE C 50 -42.27 -9.09 -10.07
C ILE C 50 -41.33 -8.22 -10.89
N THR C 51 -41.73 -6.98 -11.11
CA THR C 51 -40.84 -5.99 -11.68
C THR C 51 -40.67 -4.84 -10.70
N ARG C 52 -39.72 -3.96 -10.99
CA ARG C 52 -39.51 -2.78 -10.15
C ARG C 52 -40.66 -1.78 -10.27
N GLY C 53 -41.12 -1.58 -11.51
CA GLY C 53 -42.17 -0.62 -11.78
C GLY C 53 -43.47 -0.84 -11.01
N VAL C 54 -43.99 -2.06 -11.08
CA VAL C 54 -45.25 -2.38 -10.43
C VAL C 54 -45.02 -2.85 -8.99
N ALA C 55 -43.86 -2.52 -8.44
CA ALA C 55 -43.49 -3.03 -7.12
C ALA C 55 -44.06 -2.16 -6.00
N GLU C 56 -44.03 -2.69 -4.79
CA GLU C 56 -44.57 -2.00 -3.63
C GLU C 56 -43.48 -1.66 -2.62
N LEU C 57 -43.55 -0.44 -2.10
CA LEU C 57 -42.54 0.03 -1.15
C LEU C 57 -42.88 -0.50 0.23
N LYS C 58 -41.91 -1.11 0.87
CA LYS C 58 -42.11 -1.59 2.22
C LYS C 58 -42.36 -0.41 3.16
N GLN C 59 -43.58 -0.33 3.70
CA GLN C 59 -43.93 0.73 4.63
C GLN C 59 -42.84 0.96 5.69
N GLU C 60 -42.21 -0.13 6.16
CA GLU C 60 -41.26 0.00 7.27
C GLU C 60 -39.79 0.11 6.86
N GLU C 61 -39.36 -0.75 5.94
CA GLU C 61 -37.95 -0.79 5.52
C GLU C 61 -37.63 0.34 4.57
N PHE C 62 -38.64 0.85 3.88
CA PHE C 62 -38.46 2.01 3.03
C PHE C 62 -39.12 3.27 3.58
N VAL C 63 -40.45 3.28 3.63
CA VAL C 63 -41.20 4.49 3.98
C VAL C 63 -40.84 5.02 5.37
N ASN C 64 -41.03 4.20 6.39
CA ASN C 64 -40.72 4.63 7.76
C ASN C 64 -39.25 4.92 7.96
N GLU C 65 -38.41 4.13 7.31
CA GLU C 65 -36.96 4.23 7.47
C GLU C 65 -36.50 5.53 6.86
N LYS C 66 -36.98 5.80 5.67
CA LYS C 66 -36.68 7.04 4.98
C LYS C 66 -37.06 8.23 5.85
N ALA C 67 -38.26 8.21 6.41
CA ALA C 67 -38.72 9.33 7.22
C ALA C 67 -37.82 9.54 8.42
N ARG C 68 -37.46 8.43 9.06
CA ARG C 68 -36.57 8.50 10.22
C ARG C 68 -35.26 9.16 9.82
N ARG C 69 -34.71 8.74 8.68
CA ARG C 69 -33.39 9.15 8.26
C ARG C 69 -33.40 10.63 7.89
N PHE C 70 -34.50 11.05 7.29
CA PHE C 70 -34.73 12.44 6.95
C PHE C 70 -34.77 13.31 8.20
N SER C 71 -35.47 12.85 9.24
CA SER C 71 -35.50 13.58 10.50
C SER C 71 -34.10 13.78 11.01
N TYR C 72 -33.36 12.69 11.06
CA TYR C 72 -31.99 12.77 11.52
C TYR C 72 -31.18 13.76 10.66
N MET C 73 -31.34 13.72 9.34
CA MET C 73 -30.56 14.59 8.44
C MET C 73 -30.87 16.08 8.66
N LYS C 74 -32.15 16.40 8.86
CA LYS C 74 -32.53 17.76 9.21
C LYS C 74 -31.80 18.24 10.45
N THR C 75 -31.73 17.39 11.47
CA THR C 75 -30.94 17.65 12.68
C THR C 75 -29.49 18.09 12.39
N MET C 76 -28.85 17.47 11.39
CA MET C 76 -27.46 17.73 11.07
C MET C 76 -27.31 18.77 9.97
N TYR C 77 -28.41 19.21 9.40
CA TYR C 77 -28.37 20.16 8.29
C TYR C 77 -27.99 21.56 8.71
N SER C 78 -27.19 22.22 7.88
CA SER C 78 -26.78 23.58 8.17
C SER C 78 -26.47 24.30 6.87
N VAL C 79 -26.31 25.62 6.96
CA VAL C 79 -26.06 26.45 5.79
C VAL C 79 -24.58 26.40 5.42
N CYS C 80 -24.23 26.92 4.24
CA CYS C 80 -22.82 27.05 3.86
C CYS C 80 -22.19 28.26 4.52
N PRO C 81 -20.90 28.15 4.91
CA PRO C 81 -20.21 29.27 5.55
C PRO C 81 -19.83 30.30 4.48
N GLU C 82 -19.41 31.48 4.90
CA GLU C 82 -19.01 32.52 3.95
C GLU C 82 -17.82 32.02 3.13
N ALA C 83 -17.00 31.18 3.76
CA ALA C 83 -15.85 30.57 3.13
C ALA C 83 -15.65 29.15 3.66
N PHE C 84 -15.41 28.21 2.76
CA PHE C 84 -15.12 26.83 3.14
C PHE C 84 -13.67 26.63 3.61
N GLU C 85 -13.49 25.78 4.60
CA GLU C 85 -12.18 25.27 4.98
C GLU C 85 -12.08 23.78 4.67
N PRO C 86 -10.88 23.33 4.26
CA PRO C 86 -10.67 21.90 3.93
C PRO C 86 -11.09 20.99 5.06
N ILE C 87 -11.62 19.82 4.72
CA ILE C 87 -11.91 18.80 5.71
C ILE C 87 -10.82 17.77 5.66
N SER C 88 -10.78 16.92 6.68
CA SER C 88 -9.94 15.73 6.61
C SER C 88 -10.57 14.63 5.76
N ARG C 89 -9.75 14.00 4.94
CA ARG C 89 -10.06 12.77 4.23
C ARG C 89 -10.87 11.80 5.09
N ASN C 90 -10.54 11.75 6.38
CA ASN C 90 -11.13 10.78 7.29
C ASN C 90 -12.59 11.08 7.66
N GLU C 91 -13.03 12.32 7.47
CA GLU C 91 -14.44 12.63 7.73
C GLU C 91 -15.35 12.14 6.60
N ALA C 92 -14.75 11.69 5.50
CA ALA C 92 -15.53 11.30 4.34
C ALA C 92 -15.21 9.89 3.85
N SER C 93 -14.71 9.05 4.75
CA SER C 93 -14.30 7.71 4.36
C SER C 93 -15.42 6.67 4.45
N THR C 94 -16.59 7.08 4.91
CA THR C 94 -17.76 6.19 4.92
C THR C 94 -18.83 6.88 4.08
N PRO C 95 -19.83 6.11 3.63
CA PRO C 95 -20.91 6.75 2.88
C PRO C 95 -21.53 7.84 3.72
N GLU C 96 -21.80 7.55 4.99
CA GLU C 96 -22.45 8.53 5.87
C GLU C 96 -21.61 9.79 6.00
N GLY C 97 -20.32 9.63 6.29
CA GLY C 97 -19.45 10.78 6.39
C GLY C 97 -19.44 11.55 5.07
N SER C 98 -19.50 10.82 3.97
CA SER C 98 -19.44 11.45 2.65
C SER C 98 -20.54 12.48 2.46
N TRP C 99 -21.79 12.13 2.81
CA TRP C 99 -22.89 13.10 2.67
C TRP C 99 -23.07 14.00 3.90
N LEU C 100 -22.68 13.53 5.07
CA LEU C 100 -22.87 14.33 6.28
C LEU C 100 -22.07 15.62 6.22
N THR C 101 -20.83 15.52 5.76
CA THR C 101 -19.96 16.67 5.62
C THR C 101 -20.55 17.69 4.64
N VAL C 102 -21.44 17.24 3.76
CA VAL C 102 -22.09 18.14 2.80
C VAL C 102 -23.32 18.84 3.42
N ILE C 103 -24.27 18.05 3.91
CA ILE C 103 -25.51 18.63 4.45
C ILE C 103 -25.22 19.52 5.64
N SER C 104 -24.13 19.24 6.36
CA SER C 104 -23.75 20.08 7.50
C SER C 104 -23.05 21.36 7.01
N GLY C 105 -22.84 21.46 5.70
CA GLY C 105 -22.26 22.65 5.10
C GLY C 105 -20.75 22.80 5.20
N LYS C 106 -20.06 21.76 5.69
CA LYS C 106 -18.59 21.79 5.78
C LYS C 106 -17.93 21.88 4.42
N ARG C 107 -18.59 21.32 3.40
CA ARG C 107 -18.06 21.29 2.04
C ARG C 107 -19.20 21.15 1.03
N PRO C 108 -18.94 21.59 -0.21
CA PRO C 108 -19.97 21.71 -1.25
C PRO C 108 -20.28 20.41 -1.99
N MET C 109 -19.44 19.38 -1.86
CA MET C 109 -19.63 18.15 -2.62
C MET C 109 -18.97 16.93 -1.99
N GLY C 110 -19.62 15.79 -2.16
CA GLY C 110 -19.11 14.52 -1.70
C GLY C 110 -19.65 13.47 -2.65
N GLN C 111 -19.11 12.26 -2.57
CA GLN C 111 -19.50 11.19 -3.48
C GLN C 111 -19.50 9.88 -2.72
N PHE C 112 -20.54 9.08 -2.93
CA PHE C 112 -20.58 7.73 -2.40
C PHE C 112 -21.30 6.85 -3.39
N SER C 113 -21.72 5.68 -2.94
CA SER C 113 -22.42 4.79 -3.85
C SER C 113 -23.44 3.98 -3.06
N VAL C 114 -24.46 3.52 -3.77
CA VAL C 114 -25.52 2.75 -3.18
C VAL C 114 -25.67 1.44 -3.94
N ASP C 115 -26.10 0.40 -3.25
CA ASP C 115 -26.32 -0.88 -3.92
C ASP C 115 -27.78 -1.06 -4.36
N SER C 116 -28.62 -0.09 -3.99
CA SER C 116 -30.01 -0.05 -4.43
C SER C 116 -30.50 1.39 -4.61
N LEU C 117 -31.17 1.67 -5.73
CA LEU C 117 -31.76 2.99 -5.94
C LEU C 117 -32.93 3.27 -5.01
N TYR C 118 -33.24 2.31 -4.15
CA TYR C 118 -34.26 2.47 -3.12
C TYR C 118 -33.61 2.59 -1.73
N ASN C 119 -32.29 2.83 -1.72
CA ASN C 119 -31.61 3.19 -0.48
C ASN C 119 -32.27 4.38 0.22
N PRO C 120 -32.87 4.14 1.40
CA PRO C 120 -33.62 5.18 2.12
C PRO C 120 -32.82 6.46 2.32
N ASP C 121 -31.56 6.36 2.71
CA ASP C 121 -30.72 7.53 2.92
C ASP C 121 -30.63 8.36 1.65
N LEU C 122 -30.48 7.68 0.53
CA LEU C 122 -30.40 8.39 -0.73
C LEU C 122 -31.66 9.22 -0.97
N HIS C 123 -32.82 8.63 -0.69
CA HIS C 123 -34.10 9.33 -0.87
C HIS C 123 -34.28 10.48 0.11
N ALA C 124 -33.88 10.24 1.36
CA ALA C 124 -33.96 11.26 2.41
C ALA C 124 -33.11 12.48 2.04
N LEU C 125 -31.91 12.22 1.52
CA LEU C 125 -31.01 13.30 1.12
C LEU C 125 -31.66 14.20 0.09
N CYS C 126 -32.29 13.60 -0.90
CA CYS C 126 -32.87 14.38 -2.00
C CYS C 126 -34.06 15.22 -1.53
N GLU C 127 -34.49 15.02 -0.28
CA GLU C 127 -35.61 15.80 0.24
C GLU C 127 -35.16 17.05 0.97
N LEU C 128 -33.88 17.10 1.32
CA LEU C 128 -33.32 18.27 1.98
C LEU C 128 -33.28 19.43 0.99
N PRO C 129 -33.65 20.62 1.45
CA PRO C 129 -33.62 21.77 0.52
C PRO C 129 -32.20 22.08 0.06
N ASP C 130 -32.00 22.38 -1.22
CA ASP C 130 -30.68 22.77 -1.74
C ASP C 130 -29.66 21.65 -1.66
N ILE C 131 -30.13 20.43 -1.43
CA ILE C 131 -29.27 19.26 -1.54
C ILE C 131 -29.64 18.52 -2.83
N CYS C 132 -28.65 18.34 -3.70
CA CYS C 132 -28.85 17.68 -4.99
C CYS C 132 -27.94 16.46 -5.16
N CYS C 133 -28.41 15.52 -5.96
CA CYS C 133 -27.68 14.30 -6.23
C CYS C 133 -27.64 14.01 -7.74
N LYS C 134 -26.43 13.84 -8.26
CA LYS C 134 -26.26 13.29 -9.59
C LYS C 134 -26.05 11.80 -9.43
N ILE C 135 -26.82 11.01 -10.18
CA ILE C 135 -26.79 9.58 -10.02
C ILE C 135 -26.50 8.94 -11.36
N PHE C 136 -25.71 7.87 -11.34
CA PHE C 136 -25.46 7.06 -12.53
C PHE C 136 -24.89 5.68 -12.17
N PRO C 137 -25.09 4.69 -13.06
CA PRO C 137 -24.65 3.33 -12.78
C PRO C 137 -23.13 3.23 -12.76
N LYS C 138 -22.57 2.47 -11.84
CA LYS C 138 -21.13 2.21 -11.88
C LYS C 138 -20.81 1.37 -13.13
N GLU C 139 -19.89 1.88 -13.95
CA GLU C 139 -19.58 1.28 -15.26
C GLU C 139 -19.37 -0.23 -15.22
N ASN C 140 -18.61 -0.72 -14.25
CA ASN C 140 -18.35 -2.16 -14.17
C ASN C 140 -19.51 -2.97 -13.57
N ASN C 141 -20.08 -2.43 -12.48
CA ASN C 141 -21.12 -3.13 -11.71
C ASN C 141 -22.45 -3.21 -12.42
N ASP C 142 -23.29 -4.14 -11.96
CA ASP C 142 -24.67 -4.23 -12.41
C ASP C 142 -25.62 -3.91 -11.27
N PHE C 143 -25.07 -3.59 -10.10
CA PHE C 143 -25.84 -3.33 -8.89
C PHE C 143 -25.58 -1.92 -8.37
N LEU C 144 -24.31 -1.55 -8.33
CA LEU C 144 -23.89 -0.28 -7.73
C LEU C 144 -24.26 0.96 -8.54
N TYR C 145 -24.66 2.00 -7.83
CA TYR C 145 -24.86 3.32 -8.42
C TYR C 145 -23.98 4.35 -7.71
N ILE C 146 -23.39 5.25 -8.48
CA ILE C 146 -22.59 6.33 -7.93
C ILE C 146 -23.50 7.50 -7.62
N VAL C 147 -23.30 8.10 -6.45
CA VAL C 147 -24.09 9.22 -6.02
C VAL C 147 -23.19 10.40 -5.71
N VAL C 148 -23.42 11.52 -6.39
CA VAL C 148 -22.63 12.72 -6.21
C VAL C 148 -23.52 13.80 -5.58
N VAL C 149 -23.42 13.96 -4.27
CA VAL C 149 -24.31 14.85 -3.55
C VAL C 149 -23.63 16.20 -3.43
N TYR C 150 -24.39 17.28 -3.61
CA TYR C 150 -23.78 18.62 -3.57
C TYR C 150 -24.74 19.72 -3.11
N ARG C 151 -24.14 20.82 -2.64
CA ARG C 151 -24.86 22.00 -2.18
C ARG C 151 -25.30 22.86 -3.36
N ASN C 152 -26.59 22.85 -3.66
CA ASN C 152 -27.11 23.69 -4.74
C ASN C 152 -27.09 25.17 -4.36
N ASP C 153 -27.00 25.43 -3.05
CA ASP C 153 -26.93 26.80 -2.56
C ASP C 153 -25.51 27.37 -2.53
N SER C 154 -24.56 26.66 -3.15
CA SER C 154 -23.20 27.16 -3.26
C SER C 154 -22.74 27.12 -4.70
N PRO C 155 -22.09 28.20 -5.17
CA PRO C 155 -21.55 28.18 -6.54
C PRO C 155 -20.55 27.02 -6.80
N LEU C 156 -19.93 26.51 -5.73
CA LEU C 156 -19.02 25.39 -5.88
C LEU C 156 -19.74 24.05 -6.05
N GLY C 157 -20.99 23.96 -5.61
CA GLY C 157 -21.70 22.69 -5.56
C GLY C 157 -21.81 21.97 -6.89
N GLU C 158 -22.59 22.53 -7.80
CA GLU C 158 -22.80 21.87 -9.07
C GLU C 158 -21.50 21.81 -9.90
N GLN C 159 -20.65 22.81 -9.76
CA GLN C 159 -19.42 22.81 -10.53
C GLN C 159 -18.46 21.69 -10.10
N ARG C 160 -18.41 21.39 -8.81
CA ARG C 160 -17.56 20.29 -8.36
C ARG C 160 -18.16 18.94 -8.71
N ALA C 161 -19.49 18.86 -8.65
CA ALA C 161 -20.21 17.65 -9.06
C ALA C 161 -19.97 17.34 -10.53
N ASN C 162 -20.09 18.35 -11.38
CA ASN C 162 -19.81 18.15 -12.79
C ASN C 162 -18.33 17.81 -13.02
N ARG C 163 -17.46 18.46 -12.27
CA ARG C 163 -16.02 18.25 -12.38
C ARG C 163 -15.67 16.81 -11.96
N PHE C 164 -16.34 16.30 -10.92
CA PHE C 164 -16.17 14.91 -10.54
C PHE C 164 -16.48 13.99 -11.72
N ILE C 165 -17.58 14.27 -12.40
CA ILE C 165 -17.96 13.50 -13.58
C ILE C 165 -16.87 13.51 -14.66
N GLU C 166 -16.32 14.68 -14.96
CA GLU C 166 -15.25 14.76 -15.97
C GLU C 166 -14.10 13.88 -15.56
N LEU C 167 -13.63 14.05 -14.33
CA LEU C 167 -12.46 13.33 -13.85
C LEU C 167 -12.73 11.83 -13.84
N TYR C 168 -13.92 11.45 -13.36
CA TYR C 168 -14.32 10.05 -13.38
C TYR C 168 -14.20 9.48 -14.79
N ASN C 169 -14.72 10.22 -15.78
CA ASN C 169 -14.71 9.74 -17.17
C ASN C 169 -13.29 9.64 -17.74
N ILE C 170 -12.46 10.61 -17.40
CA ILE C 170 -11.06 10.58 -17.74
C ILE C 170 -10.43 9.29 -17.22
N LYS C 171 -10.62 9.02 -15.93
CA LYS C 171 -10.08 7.82 -15.29
C LYS C 171 -10.59 6.56 -16.00
N ARG C 172 -11.88 6.56 -16.31
CA ARG C 172 -12.50 5.45 -17.01
C ARG C 172 -11.85 5.25 -18.38
N ASP C 173 -11.68 6.33 -19.12
CA ASP C 173 -11.11 6.27 -20.46
C ASP C 173 -9.69 5.69 -20.45
N ILE C 174 -8.86 6.22 -19.57
CA ILE C 174 -7.49 5.76 -19.46
C ILE C 174 -7.40 4.31 -19.01
N MET C 175 -8.31 3.90 -18.15
CA MET C 175 -8.35 2.51 -17.77
C MET C 175 -8.74 1.61 -18.94
N GLN C 176 -9.71 2.06 -19.75
CA GLN C 176 -10.06 1.35 -20.99
C GLN C 176 -8.80 1.21 -21.85
N GLU C 177 -8.14 2.33 -22.08
CA GLU C 177 -6.91 2.39 -22.84
C GLU C 177 -5.85 1.42 -22.32
N LEU C 178 -5.79 1.27 -21.01
CA LEU C 178 -4.75 0.46 -20.39
C LEU C 178 -5.12 -1.01 -20.36
N ASN C 179 -6.40 -1.31 -20.56
CA ASN C 179 -6.81 -2.70 -20.45
C ASN C 179 -6.45 -3.49 -21.71
N ALA C 181 -3.79 -4.40 -23.28
CA ALA C 181 -2.75 -3.44 -23.65
C ALA C 181 -1.67 -3.31 -22.58
N LEU C 182 -2.06 -2.89 -21.38
CA LEU C 182 -1.14 -2.75 -20.26
C LEU C 182 -1.91 -2.86 -18.94
N PRO C 183 -2.44 -4.06 -18.65
CA PRO C 183 -3.39 -4.20 -17.54
C PRO C 183 -2.72 -4.05 -16.18
N GLU C 184 -1.40 -4.18 -16.13
CA GLU C 184 -0.67 -4.11 -14.89
C GLU C 184 -0.92 -2.81 -14.16
N LEU C 185 -1.67 -2.86 -13.06
CA LEU C 185 -1.87 -1.69 -12.23
C LEU C 185 -2.58 -0.57 -12.97
N LYS C 186 -3.41 -0.93 -13.95
CA LYS C 186 -4.15 0.07 -14.69
C LYS C 186 -5.02 0.90 -13.74
N ALA C 187 -5.52 0.25 -12.69
CA ALA C 187 -6.42 0.94 -11.78
C ALA C 187 -5.66 2.04 -11.03
N VAL C 188 -4.49 1.70 -10.49
CA VAL C 188 -3.68 2.67 -9.75
C VAL C 188 -3.14 3.74 -10.68
N LYS C 189 -2.59 3.30 -11.80
CA LYS C 189 -2.04 4.21 -12.80
C LYS C 189 -3.09 5.23 -13.22
N SER C 190 -4.26 4.74 -13.57
CA SER C 190 -5.31 5.61 -14.08
C SER C 190 -5.78 6.50 -12.93
N GLU C 191 -5.79 5.95 -11.72
CA GLU C 191 -6.15 6.71 -10.53
C GLU C 191 -5.20 7.92 -10.29
N MET C 192 -3.91 7.72 -10.51
CA MET C 192 -2.94 8.80 -10.29
C MET C 192 -3.19 10.02 -11.19
N ILE C 193 -3.70 9.76 -12.40
CA ILE C 193 -3.96 10.85 -13.35
C ILE C 193 -4.91 11.90 -12.76
N ILE C 194 -5.90 11.48 -11.98
CA ILE C 194 -6.94 12.39 -11.51
C ILE C 194 -6.98 12.59 -9.98
N ALA C 195 -6.10 11.90 -9.26
CA ALA C 195 -6.25 11.84 -7.80
C ALA C 195 -6.11 13.21 -7.13
N ARG C 196 -5.11 13.98 -7.52
CA ARG C 196 -4.89 15.29 -6.90
C ARG C 196 -6.08 16.19 -7.12
N GLU C 197 -6.61 16.15 -8.33
CA GLU C 197 -7.74 16.99 -8.71
C GLU C 197 -9.02 16.52 -8.01
N MET C 198 -9.12 15.22 -7.82
CA MET C 198 -10.18 14.60 -7.04
C MET C 198 -10.09 15.08 -5.57
N GLY C 199 -8.88 15.03 -5.00
CA GLY C 199 -8.63 15.47 -3.64
C GLY C 199 -9.08 16.92 -3.42
N GLU C 200 -8.77 17.76 -4.39
CA GLU C 200 -9.15 19.17 -4.31
C GLU C 200 -10.66 19.38 -4.34
N ILE C 201 -11.35 18.81 -5.32
CA ILE C 201 -12.78 19.03 -5.37
C ILE C 201 -13.51 18.43 -4.16
N PHE C 202 -12.93 17.39 -3.54
CA PHE C 202 -13.50 16.78 -2.34
C PHE C 202 -13.17 17.58 -1.11
N SER C 203 -12.38 18.65 -1.28
CA SER C 203 -12.05 19.53 -0.19
C SER C 203 -11.11 18.95 0.88
N TYR C 204 -10.37 17.89 0.56
CA TYR C 204 -9.38 17.38 1.49
C TYR C 204 -8.26 18.39 1.80
N MET C 205 -7.65 18.21 2.97
CA MET C 205 -6.52 19.03 3.35
C MET C 205 -5.39 18.87 2.35
N PRO C 206 -4.76 19.99 1.98
CA PRO C 206 -3.67 19.97 1.00
C PRO C 206 -2.58 19.00 1.42
N GLY C 207 -2.27 18.94 2.72
CA GLY C 207 -1.25 18.04 3.22
C GLY C 207 -1.63 16.59 2.97
N GLU C 208 -2.90 16.27 3.18
CA GLU C 208 -3.40 14.93 2.94
C GLU C 208 -3.37 14.56 1.45
N ILE C 209 -3.63 15.53 0.59
CA ILE C 209 -3.60 15.29 -0.85
C ILE C 209 -2.17 15.02 -1.27
N ASP C 210 -1.27 15.88 -0.83
CA ASP C 210 0.18 15.74 -1.04
C ASP C 210 0.73 14.37 -0.66
N SER C 211 0.41 13.90 0.54
CA SER C 211 1.00 12.65 0.98
C SER C 211 0.36 11.46 0.27
N TYR C 212 -0.94 11.56 -0.05
CA TYR C 212 -1.58 10.54 -0.90
C TYR C 212 -0.89 10.48 -2.27
N MET C 213 -0.63 11.64 -2.87
CA MET C 213 0.04 11.67 -4.17
C MET C 213 1.44 11.08 -4.08
N LYS C 214 2.20 11.50 -3.06
CA LYS C 214 3.56 11.01 -2.93
C LYS C 214 3.52 9.49 -2.80
N TYR C 215 2.58 8.98 -2.03
CA TYR C 215 2.52 7.55 -1.81
C TYR C 215 2.31 6.77 -3.10
N ILE C 216 1.21 7.09 -3.79
CA ILE C 216 0.83 6.46 -5.04
C ILE C 216 1.91 6.60 -6.13
N ASN C 217 2.55 7.77 -6.19
CA ASN C 217 3.62 8.01 -7.16
C ASN C 217 4.91 7.22 -6.89
N ASN C 218 5.32 7.14 -5.63
CA ASN C 218 6.40 6.24 -5.27
C ASN C 218 6.06 4.81 -5.69
N LYS C 219 4.83 4.38 -5.39
CA LYS C 219 4.40 3.05 -5.81
C LYS C 219 4.59 2.84 -7.31
N LEU C 220 4.11 3.79 -8.11
CA LEU C 220 4.10 3.63 -9.56
C LEU C 220 5.50 3.64 -10.14
N SER C 221 6.40 4.31 -9.46
CA SER C 221 7.76 4.43 -9.95
C SER C 221 8.57 3.16 -9.60
N LYS C 222 7.96 2.24 -8.86
CA LYS C 222 8.60 0.97 -8.47
C LYS C 222 9.87 1.15 -7.63
N ILE C 223 9.96 2.27 -6.92
CA ILE C 223 11.02 2.50 -5.93
C ILE C 223 10.53 3.44 -4.82
N GLU C 224 9.54 2.99 -4.05
CA GLU C 224 8.87 1.74 -4.36
C GLU C 224 7.35 1.90 -4.54
N HIS D 21 -38.55 -18.77 -24.67
CA HIS D 21 -37.28 -18.82 -25.38
C HIS D 21 -36.45 -20.02 -24.97
N VAL D 22 -35.65 -20.54 -25.89
CA VAL D 22 -34.79 -21.66 -25.57
C VAL D 22 -33.80 -21.28 -24.45
N VAL D 23 -33.36 -20.02 -24.46
CA VAL D 23 -32.44 -19.54 -23.44
C VAL D 23 -33.14 -19.27 -22.12
N LYS D 24 -34.28 -18.60 -22.15
CA LYS D 24 -35.02 -18.35 -20.91
C LYS D 24 -35.36 -19.66 -20.21
N ASN D 25 -35.72 -20.68 -20.98
CA ASN D 25 -36.03 -21.99 -20.40
C ASN D 25 -34.92 -22.56 -19.53
N ILE D 26 -33.66 -22.37 -19.90
CA ILE D 26 -32.55 -22.93 -19.11
C ILE D 26 -31.88 -21.87 -18.24
N TYR D 27 -32.25 -20.62 -18.46
CA TYR D 27 -31.59 -19.51 -17.79
C TYR D 27 -32.63 -18.43 -17.51
N PRO D 28 -33.53 -18.69 -16.55
CA PRO D 28 -34.68 -17.82 -16.27
C PRO D 28 -34.30 -16.38 -15.91
N GLU D 29 -33.19 -16.22 -15.20
CA GLU D 29 -32.85 -14.91 -14.64
C GLU D 29 -31.87 -14.13 -15.52
N ILE D 30 -31.77 -14.51 -16.79
CA ILE D 30 -30.94 -13.79 -17.73
C ILE D 30 -31.46 -12.35 -17.89
N LYS D 31 -30.55 -11.39 -18.15
CA LYS D 31 -30.93 -9.99 -18.38
C LYS D 31 -31.53 -9.78 -19.77
N HIS D 32 -32.66 -9.05 -19.85
CA HIS D 32 -33.35 -8.93 -21.13
C HIS D 32 -32.58 -8.17 -22.21
N ASP D 33 -31.67 -7.28 -21.81
CA ASP D 33 -30.84 -6.56 -22.78
C ASP D 33 -30.20 -7.56 -23.72
N TYR D 34 -30.04 -8.78 -23.22
CA TYR D 34 -29.36 -9.83 -23.95
C TYR D 34 -30.03 -10.11 -25.29
N PHE D 35 -31.35 -10.05 -25.30
CA PHE D 35 -32.13 -10.38 -26.50
C PHE D 35 -32.25 -9.21 -27.47
N ASN D 36 -31.86 -8.01 -27.03
CA ASN D 36 -31.83 -6.84 -27.89
C ASN D 36 -30.48 -6.74 -28.61
N GLU D 37 -29.43 -7.24 -27.96
CA GLU D 37 -28.13 -7.33 -28.57
C GLU D 37 -28.21 -8.21 -29.81
N SER D 38 -27.24 -8.06 -30.70
CA SER D 38 -27.18 -8.90 -31.88
C SER D 38 -26.36 -10.14 -31.58
N PRO D 39 -26.57 -11.20 -32.36
CA PRO D 39 -25.79 -12.43 -32.16
C PRO D 39 -24.27 -12.18 -32.26
N ASN D 40 -23.52 -12.59 -31.25
CA ASN D 40 -22.07 -12.45 -31.32
C ASN D 40 -21.45 -13.53 -32.19
N ILE D 41 -20.14 -13.44 -32.38
CA ILE D 41 -19.44 -14.38 -33.26
C ILE D 41 -19.74 -15.85 -32.94
N TYR D 42 -19.83 -16.18 -31.65
CA TYR D 42 -20.05 -17.58 -31.24
C TYR D 42 -21.50 -18.03 -31.39
N ASP D 43 -22.44 -17.16 -31.02
CA ASP D 43 -23.85 -17.42 -31.26
C ASP D 43 -24.10 -17.79 -32.71
N LYS D 44 -23.36 -17.13 -33.62
CA LYS D 44 -23.59 -17.26 -35.05
C LYS D 44 -23.36 -18.65 -35.60
N LYS D 45 -22.76 -19.52 -34.79
CA LYS D 45 -22.59 -20.90 -35.22
C LYS D 45 -23.95 -21.59 -35.14
N TYR D 46 -24.84 -21.03 -34.32
CA TYR D 46 -26.06 -21.73 -33.95
C TYR D 46 -27.33 -21.01 -34.38
N ILE D 47 -27.31 -19.68 -34.39
CA ILE D 47 -28.50 -18.90 -34.71
C ILE D 47 -28.21 -17.83 -35.77
N SER D 48 -29.27 -17.26 -36.34
CA SER D 48 -29.13 -16.14 -37.27
C SER D 48 -30.29 -15.16 -37.10
N GLY D 49 -29.98 -13.86 -37.17
CA GLY D 49 -30.97 -12.82 -36.98
C GLY D 49 -30.39 -11.47 -36.63
N ILE D 50 -31.19 -10.42 -36.76
CA ILE D 50 -30.75 -9.06 -36.46
C ILE D 50 -30.33 -8.96 -35.00
N THR D 51 -31.24 -9.36 -34.12
CA THR D 51 -30.94 -9.44 -32.69
C THR D 51 -31.23 -10.87 -32.25
N ARG D 52 -30.89 -11.18 -30.99
CA ARG D 52 -31.04 -12.54 -30.47
C ARG D 52 -32.51 -12.97 -30.36
N GLY D 53 -33.35 -12.09 -29.81
CA GLY D 53 -34.76 -12.39 -29.69
C GLY D 53 -35.37 -12.87 -31.00
N VAL D 54 -35.20 -12.08 -32.05
CA VAL D 54 -35.83 -12.35 -33.34
C VAL D 54 -35.16 -13.46 -34.15
N ALA D 55 -34.01 -13.94 -33.69
CA ALA D 55 -33.20 -14.88 -34.47
C ALA D 55 -33.81 -16.29 -34.55
N GLU D 56 -33.42 -17.03 -35.59
CA GLU D 56 -33.92 -18.37 -35.80
C GLU D 56 -32.81 -19.40 -35.63
N LEU D 57 -33.15 -20.53 -35.02
CA LEU D 57 -32.19 -21.61 -34.79
C LEU D 57 -31.83 -22.32 -36.10
N LYS D 58 -30.54 -22.55 -36.31
CA LYS D 58 -30.08 -23.33 -37.47
C LYS D 58 -30.47 -24.81 -37.28
N GLN D 59 -31.13 -25.37 -38.29
CA GLN D 59 -31.61 -26.75 -38.24
C GLN D 59 -30.48 -27.73 -38.03
N GLU D 60 -29.33 -27.45 -38.64
CA GLU D 60 -28.22 -28.39 -38.58
C GLU D 60 -27.26 -28.14 -37.42
N GLU D 61 -26.85 -26.88 -37.26
CA GLU D 61 -25.83 -26.52 -36.29
C GLU D 61 -26.37 -26.48 -34.86
N PHE D 62 -27.66 -26.26 -34.73
CA PHE D 62 -28.29 -26.32 -33.41
C PHE D 62 -29.24 -27.52 -33.29
N VAL D 63 -30.34 -27.47 -34.02
CA VAL D 63 -31.40 -28.46 -33.85
C VAL D 63 -30.92 -29.91 -34.00
N ASN D 64 -30.27 -30.20 -35.12
CA ASN D 64 -29.81 -31.56 -35.39
C ASN D 64 -28.59 -31.97 -34.56
N GLU D 65 -27.67 -31.02 -34.36
CA GLU D 65 -26.55 -31.25 -33.46
C GLU D 65 -27.07 -31.59 -32.05
N LYS D 66 -28.01 -30.78 -31.57
CA LYS D 66 -28.59 -30.96 -30.25
C LYS D 66 -29.20 -32.35 -30.08
N ALA D 67 -29.90 -32.82 -31.11
CA ALA D 67 -30.53 -34.15 -31.07
C ALA D 67 -29.49 -35.26 -31.02
N ARG D 68 -28.41 -35.09 -31.78
CA ARG D 68 -27.35 -36.09 -31.75
C ARG D 68 -26.68 -36.13 -30.37
N ARG D 69 -26.43 -34.95 -29.82
CA ARG D 69 -25.72 -34.85 -28.55
C ARG D 69 -26.63 -35.35 -27.43
N PHE D 70 -27.92 -35.01 -27.54
CA PHE D 70 -28.93 -35.52 -26.62
C PHE D 70 -28.99 -37.06 -26.58
N SER D 71 -29.02 -37.67 -27.76
CA SER D 71 -29.02 -39.14 -27.83
C SER D 71 -27.77 -39.69 -27.17
N TYR D 72 -26.62 -39.14 -27.55
CA TYR D 72 -25.35 -39.46 -26.88
C TYR D 72 -25.50 -39.39 -25.34
N MET D 73 -26.05 -38.28 -24.84
CA MET D 73 -26.27 -38.10 -23.40
C MET D 73 -27.21 -39.13 -22.75
N LYS D 74 -28.35 -39.38 -23.37
CA LYS D 74 -29.31 -40.35 -22.85
C LYS D 74 -28.66 -41.70 -22.71
N THR D 75 -27.80 -42.05 -23.67
CA THR D 75 -27.13 -43.34 -23.64
C THR D 75 -26.20 -43.44 -22.43
N MET D 76 -25.46 -42.36 -22.15
CA MET D 76 -24.49 -42.35 -21.04
C MET D 76 -25.14 -42.06 -19.70
N TYR D 77 -26.41 -41.64 -19.73
CA TYR D 77 -27.07 -41.22 -18.51
C TYR D 77 -27.19 -42.39 -17.55
N SER D 78 -26.99 -42.11 -16.26
CA SER D 78 -27.12 -43.15 -15.23
C SER D 78 -27.56 -42.55 -13.91
N VAL D 79 -27.97 -43.39 -12.96
CA VAL D 79 -28.27 -42.95 -11.60
C VAL D 79 -26.99 -42.85 -10.78
N CYS D 80 -27.08 -42.19 -9.62
CA CYS D 80 -25.93 -42.08 -8.72
C CYS D 80 -25.81 -43.31 -7.85
N PRO D 81 -24.56 -43.71 -7.56
CA PRO D 81 -24.31 -44.80 -6.61
C PRO D 81 -24.74 -44.38 -5.23
N GLU D 82 -24.81 -45.33 -4.31
CA GLU D 82 -25.03 -45.01 -2.91
C GLU D 82 -23.97 -44.00 -2.45
N ALA D 83 -22.70 -44.37 -2.61
CA ALA D 83 -21.60 -43.46 -2.29
C ALA D 83 -20.69 -43.24 -3.51
N PHE D 84 -20.33 -41.99 -3.73
CA PHE D 84 -19.44 -41.63 -4.81
C PHE D 84 -18.00 -41.98 -4.48
N GLU D 85 -17.23 -42.35 -5.49
CA GLU D 85 -15.80 -42.51 -5.33
C GLU D 85 -15.10 -41.40 -6.10
N PRO D 86 -14.01 -40.87 -5.55
CA PRO D 86 -13.33 -39.78 -6.24
C PRO D 86 -13.05 -40.17 -7.69
N ILE D 87 -13.18 -39.22 -8.61
CA ILE D 87 -12.75 -39.42 -9.98
C ILE D 87 -11.33 -38.90 -10.11
N SER D 88 -10.69 -39.15 -11.25
CA SER D 88 -9.45 -38.46 -11.56
C SER D 88 -9.76 -37.14 -12.23
N ARG D 89 -9.15 -36.06 -11.73
CA ARG D 89 -9.31 -34.75 -12.33
C ARG D 89 -9.14 -34.80 -13.85
N ASN D 90 -8.43 -35.81 -14.34
CA ASN D 90 -8.27 -36.00 -15.79
C ASN D 90 -9.54 -36.40 -16.51
N GLU D 91 -10.50 -36.96 -15.78
CA GLU D 91 -11.80 -37.30 -16.36
C GLU D 91 -12.65 -36.05 -16.63
N ALA D 92 -12.28 -34.95 -15.99
CA ALA D 92 -13.11 -33.73 -16.00
C ALA D 92 -12.35 -32.50 -16.44
N SER D 93 -11.25 -32.68 -17.17
CA SER D 93 -10.45 -31.53 -17.54
C SER D 93 -10.87 -30.90 -18.87
N THR D 94 -11.81 -31.50 -19.57
CA THR D 94 -12.45 -30.88 -20.74
C THR D 94 -13.92 -30.60 -20.39
N PRO D 95 -14.57 -29.70 -21.15
CA PRO D 95 -15.99 -29.43 -20.90
C PRO D 95 -16.80 -30.71 -20.96
N GLU D 96 -16.57 -31.49 -22.01
CA GLU D 96 -17.30 -32.73 -22.23
C GLU D 96 -17.17 -33.67 -21.03
N GLY D 97 -15.94 -33.93 -20.61
CA GLY D 97 -15.71 -34.75 -19.42
C GLY D 97 -16.30 -34.13 -18.16
N SER D 98 -16.44 -32.81 -18.16
CA SER D 98 -16.93 -32.11 -16.98
C SER D 98 -18.40 -32.44 -16.71
N TRP D 99 -19.18 -32.54 -17.78
CA TRP D 99 -20.59 -32.92 -17.62
C TRP D 99 -20.82 -34.42 -17.73
N LEU D 100 -19.97 -35.12 -18.49
CA LEU D 100 -20.14 -36.55 -18.69
C LEU D 100 -20.07 -37.28 -17.37
N THR D 101 -19.12 -36.87 -16.53
CA THR D 101 -18.90 -37.52 -15.25
C THR D 101 -20.06 -37.27 -14.29
N VAL D 102 -20.85 -36.22 -14.56
CA VAL D 102 -22.04 -35.95 -13.77
C VAL D 102 -23.24 -36.77 -14.24
N ILE D 103 -23.56 -36.71 -15.53
CA ILE D 103 -24.75 -37.39 -16.03
C ILE D 103 -24.62 -38.91 -15.92
N SER D 104 -23.39 -39.41 -15.90
CA SER D 104 -23.16 -40.84 -15.70
C SER D 104 -23.22 -41.23 -14.22
N GLY D 105 -23.33 -40.26 -13.33
CA GLY D 105 -23.51 -40.54 -11.92
C GLY D 105 -22.22 -40.78 -11.16
N LYS D 106 -21.08 -40.59 -11.84
CA LYS D 106 -19.75 -40.70 -11.21
C LYS D 106 -19.49 -39.70 -10.08
N ARG D 107 -20.16 -38.55 -10.14
CA ARG D 107 -20.03 -37.49 -9.15
C ARG D 107 -21.21 -36.53 -9.27
N PRO D 108 -21.52 -35.81 -8.18
CA PRO D 108 -22.71 -34.96 -8.05
C PRO D 108 -22.65 -33.61 -8.78
N MET D 109 -21.47 -33.04 -9.02
CA MET D 109 -21.40 -31.83 -9.86
C MET D 109 -20.08 -31.58 -10.60
N GLY D 110 -20.17 -30.70 -11.60
CA GLY D 110 -19.03 -30.32 -12.40
C GLY D 110 -19.24 -28.91 -12.89
N GLN D 111 -18.23 -28.34 -13.52
CA GLN D 111 -18.31 -26.96 -13.98
C GLN D 111 -17.53 -26.81 -15.27
N PHE D 112 -18.12 -26.16 -16.26
CA PHE D 112 -17.43 -25.84 -17.50
C PHE D 112 -17.85 -24.44 -17.93
N SER D 113 -17.56 -24.10 -19.17
CA SER D 113 -17.97 -22.80 -19.69
C SER D 113 -18.36 -22.94 -21.14
N VAL D 114 -19.26 -22.07 -21.58
CA VAL D 114 -19.68 -22.06 -22.97
C VAL D 114 -19.43 -20.69 -23.54
N ASP D 115 -18.94 -20.65 -24.77
CA ASP D 115 -18.77 -19.37 -25.44
C ASP D 115 -20.09 -18.86 -26.03
N SER D 116 -21.16 -19.64 -25.86
CA SER D 116 -22.49 -19.27 -26.38
C SER D 116 -23.64 -19.93 -25.60
N LEU D 117 -24.61 -19.12 -25.18
CA LEU D 117 -25.77 -19.67 -24.50
C LEU D 117 -26.65 -20.50 -25.46
N TYR D 118 -26.22 -20.59 -26.71
CA TYR D 118 -26.89 -21.42 -27.71
C TYR D 118 -26.14 -22.73 -27.95
N ASN D 119 -25.11 -22.96 -27.15
CA ASN D 119 -24.39 -24.22 -27.17
C ASN D 119 -25.36 -25.41 -27.05
N PRO D 120 -25.34 -26.30 -28.04
CA PRO D 120 -26.18 -27.50 -28.14
C PRO D 120 -26.03 -28.48 -26.97
N ASP D 121 -24.81 -28.71 -26.53
CA ASP D 121 -24.57 -29.60 -25.38
C ASP D 121 -25.27 -29.10 -24.13
N LEU D 122 -25.22 -27.80 -23.92
CA LEU D 122 -25.81 -27.17 -22.76
C LEU D 122 -27.32 -27.39 -22.77
N HIS D 123 -27.94 -27.20 -23.93
CA HIS D 123 -29.38 -27.36 -24.08
C HIS D 123 -29.81 -28.81 -23.93
N ALA D 124 -29.02 -29.73 -24.50
CA ALA D 124 -29.26 -31.15 -24.34
C ALA D 124 -29.15 -31.60 -22.88
N LEU D 125 -28.13 -31.08 -22.18
CA LEU D 125 -27.90 -31.40 -20.77
C LEU D 125 -29.10 -31.08 -19.90
N CYS D 126 -29.73 -29.92 -20.16
CA CYS D 126 -30.86 -29.47 -19.35
C CYS D 126 -32.15 -30.25 -19.56
N GLU D 127 -32.16 -31.17 -20.52
CA GLU D 127 -33.36 -31.97 -20.78
C GLU D 127 -33.25 -33.37 -20.17
N LEU D 128 -32.17 -33.61 -19.44
CA LEU D 128 -31.98 -34.90 -18.80
C LEU D 128 -32.69 -34.91 -17.45
N PRO D 129 -33.26 -36.06 -17.06
CA PRO D 129 -33.95 -36.14 -15.78
C PRO D 129 -32.99 -35.80 -14.63
N ASP D 130 -33.41 -34.89 -13.75
CA ASP D 130 -32.68 -34.57 -12.53
C ASP D 130 -31.31 -33.95 -12.80
N ILE D 131 -31.14 -33.38 -13.98
CA ILE D 131 -29.91 -32.67 -14.27
C ILE D 131 -30.19 -31.19 -14.36
N CYS D 132 -29.49 -30.42 -13.52
CA CYS D 132 -29.67 -28.96 -13.46
C CYS D 132 -28.40 -28.21 -13.77
N CYS D 133 -28.58 -27.00 -14.29
CA CYS D 133 -27.45 -26.13 -14.57
C CYS D 133 -27.72 -24.74 -14.01
N LYS D 134 -26.78 -24.26 -13.20
CA LYS D 134 -26.72 -22.85 -12.81
C LYS D 134 -25.77 -22.14 -13.78
N ILE D 135 -26.22 -21.02 -14.32
CA ILE D 135 -25.51 -20.35 -15.39
C ILE D 135 -25.34 -18.89 -15.02
N PHE D 136 -24.13 -18.36 -15.24
CA PHE D 136 -23.85 -16.94 -15.05
C PHE D 136 -22.67 -16.51 -15.90
N PRO D 137 -22.61 -15.22 -16.25
CA PRO D 137 -21.54 -14.72 -17.14
C PRO D 137 -20.19 -14.70 -16.43
N LYS D 138 -19.11 -14.99 -17.16
CA LYS D 138 -17.79 -15.06 -16.54
C LYS D 138 -17.31 -13.71 -16.02
N ASN D 140 -15.94 -10.52 -15.73
CA ASN D 140 -15.01 -9.87 -16.64
C ASN D 140 -15.41 -10.05 -18.11
N ASN D 141 -15.33 -11.29 -18.57
CA ASN D 141 -15.59 -11.66 -19.94
C ASN D 141 -16.97 -11.21 -20.44
N ASP D 142 -17.04 -10.75 -21.69
CA ASP D 142 -18.31 -10.30 -22.25
C ASP D 142 -18.94 -11.36 -23.16
N PHE D 143 -18.33 -12.53 -23.20
CA PHE D 143 -18.83 -13.61 -24.04
C PHE D 143 -19.09 -14.90 -23.25
N LEU D 144 -18.10 -15.33 -22.46
CA LEU D 144 -18.17 -16.61 -21.76
C LEU D 144 -19.22 -16.70 -20.65
N TYR D 145 -19.74 -17.90 -20.44
CA TYR D 145 -20.67 -18.17 -19.35
C TYR D 145 -20.24 -19.41 -18.57
N ILE D 146 -20.25 -19.32 -17.25
CA ILE D 146 -19.94 -20.46 -16.41
C ILE D 146 -21.17 -21.35 -16.30
N VAL D 147 -20.98 -22.64 -16.52
CA VAL D 147 -22.05 -23.61 -16.29
C VAL D 147 -21.69 -24.52 -15.13
N VAL D 148 -22.54 -24.52 -14.11
CA VAL D 148 -22.41 -25.44 -13.00
C VAL D 148 -23.49 -26.53 -13.13
N VAL D 149 -23.07 -27.74 -13.50
CA VAL D 149 -24.02 -28.83 -13.71
C VAL D 149 -24.07 -29.81 -12.52
N TYR D 150 -25.26 -30.13 -12.07
CA TYR D 150 -25.37 -31.00 -10.91
C TYR D 150 -26.55 -31.97 -10.92
N ARG D 151 -26.45 -32.95 -10.05
CA ARG D 151 -27.47 -33.99 -9.83
C ARG D 151 -28.52 -33.51 -8.84
N ASN D 152 -29.73 -33.28 -9.33
CA ASN D 152 -30.84 -32.86 -8.50
C ASN D 152 -31.30 -34.03 -7.64
N ASP D 153 -30.91 -35.22 -8.04
CA ASP D 153 -31.42 -36.45 -7.43
C ASP D 153 -30.45 -36.97 -6.42
N SER D 154 -29.42 -36.17 -6.15
CA SER D 154 -28.53 -36.43 -5.03
C SER D 154 -28.48 -35.19 -4.13
N PRO D 155 -28.55 -35.39 -2.82
CA PRO D 155 -28.51 -34.24 -1.92
C PRO D 155 -27.22 -33.41 -2.02
N LEU D 156 -26.14 -34.00 -2.51
CA LEU D 156 -24.86 -33.32 -2.68
C LEU D 156 -24.77 -32.42 -3.93
N GLY D 157 -25.63 -32.66 -4.92
CA GLY D 157 -25.64 -31.90 -6.15
C GLY D 157 -25.81 -30.41 -5.96
N GLU D 158 -26.95 -30.02 -5.41
CA GLU D 158 -27.25 -28.61 -5.25
C GLU D 158 -26.36 -27.93 -4.23
N GLN D 159 -25.97 -28.65 -3.19
CA GLN D 159 -25.13 -28.03 -2.17
C GLN D 159 -23.73 -27.81 -2.70
N ARG D 160 -23.19 -28.77 -3.45
CA ARG D 160 -21.88 -28.58 -4.05
C ARG D 160 -21.89 -27.52 -5.14
N ALA D 161 -23.00 -27.40 -5.88
CA ALA D 161 -23.12 -26.31 -6.84
C ALA D 161 -23.17 -24.94 -6.13
N ASN D 162 -23.85 -24.88 -4.98
CA ASN D 162 -23.87 -23.65 -4.22
C ASN D 162 -22.52 -23.37 -3.57
N ARG D 163 -21.90 -24.42 -3.04
CA ARG D 163 -20.58 -24.33 -2.47
C ARG D 163 -19.55 -23.82 -3.49
N PHE D 164 -19.63 -24.32 -4.71
CA PHE D 164 -18.74 -23.83 -5.77
C PHE D 164 -18.95 -22.34 -6.01
N ILE D 165 -20.20 -21.90 -5.97
CA ILE D 165 -20.53 -20.50 -6.19
C ILE D 165 -20.01 -19.60 -5.07
N GLU D 166 -20.04 -20.09 -3.83
CA GLU D 166 -19.44 -19.34 -2.72
C GLU D 166 -17.94 -19.24 -2.87
N LEU D 167 -17.28 -20.38 -3.14
CA LEU D 167 -15.83 -20.37 -3.31
C LEU D 167 -15.43 -19.50 -4.51
N TYR D 168 -16.23 -19.54 -5.56
CA TYR D 168 -15.96 -18.69 -6.71
C TYR D 168 -16.09 -17.22 -6.37
N ASN D 169 -17.09 -16.89 -5.55
CA ASN D 169 -17.29 -15.52 -5.15
C ASN D 169 -16.13 -15.03 -4.28
N ILE D 170 -15.74 -15.85 -3.31
CA ILE D 170 -14.55 -15.56 -2.52
C ILE D 170 -13.33 -15.27 -3.41
N LYS D 171 -12.96 -16.21 -4.27
CA LYS D 171 -11.81 -16.02 -5.15
C LYS D 171 -11.91 -14.69 -5.88
N ARG D 172 -13.11 -14.32 -6.28
CA ARG D 172 -13.34 -13.10 -7.03
C ARG D 172 -13.19 -11.88 -6.11
N ASP D 173 -13.69 -12.00 -4.88
CA ASP D 173 -13.58 -10.92 -3.91
C ASP D 173 -12.12 -10.64 -3.58
N ILE D 174 -11.37 -11.71 -3.35
CA ILE D 174 -9.96 -11.59 -3.01
C ILE D 174 -9.22 -10.99 -4.18
N MET D 175 -9.55 -11.46 -5.37
CA MET D 175 -8.91 -10.98 -6.58
C MET D 175 -9.14 -9.50 -6.76
N GLN D 176 -10.38 -9.05 -6.63
CA GLN D 176 -10.68 -7.64 -6.69
C GLN D 176 -9.86 -6.92 -5.64
N GLU D 177 -9.94 -7.41 -4.41
CA GLU D 177 -9.19 -6.87 -3.28
C GLU D 177 -7.71 -6.64 -3.59
N LEU D 178 -7.14 -7.47 -4.47
CA LEU D 178 -5.70 -7.45 -4.76
C LEU D 178 -5.37 -6.81 -6.10
N ASN D 179 -6.37 -6.48 -6.89
CA ASN D 179 -6.13 -5.87 -8.19
C ASN D 179 -5.62 -4.44 -8.02
N TYR D 180 -6.17 -3.74 -7.05
CA TYR D 180 -5.75 -2.37 -6.81
C TYR D 180 -4.33 -2.33 -6.28
N ALA D 181 -4.07 -3.09 -5.23
CA ALA D 181 -2.82 -2.90 -4.48
C ALA D 181 -1.80 -4.02 -4.64
N LEU D 182 -2.24 -5.21 -5.01
CA LEU D 182 -1.34 -6.37 -4.98
C LEU D 182 -1.50 -7.35 -6.13
N PRO D 183 -1.26 -6.90 -7.37
CA PRO D 183 -1.42 -7.66 -8.61
C PRO D 183 -0.39 -8.79 -8.79
N GLU D 184 0.75 -8.66 -8.12
CA GLU D 184 1.78 -9.69 -8.26
C GLU D 184 1.20 -11.04 -7.85
N LEU D 185 0.97 -11.91 -8.83
CA LEU D 185 0.48 -13.27 -8.58
C LEU D 185 -0.86 -13.31 -7.83
N LYS D 186 -1.77 -12.40 -8.13
CA LYS D 186 -3.08 -12.42 -7.47
C LYS D 186 -3.87 -13.70 -7.76
N ALA D 187 -3.77 -14.21 -8.98
CA ALA D 187 -4.52 -15.40 -9.38
C ALA D 187 -4.05 -16.62 -8.59
N VAL D 188 -2.75 -16.79 -8.47
CA VAL D 188 -2.21 -17.94 -7.76
C VAL D 188 -2.54 -17.85 -6.27
N LYS D 189 -2.55 -16.63 -5.74
CA LYS D 189 -2.88 -16.39 -4.33
C LYS D 189 -4.35 -16.68 -4.06
N SER D 190 -5.23 -16.00 -4.79
CA SER D 190 -6.67 -16.16 -4.62
C SER D 190 -7.04 -17.62 -4.89
N GLU D 191 -6.36 -18.20 -5.88
CA GLU D 191 -6.55 -19.61 -6.18
C GLU D 191 -6.14 -20.48 -5.00
N MET D 192 -5.02 -20.16 -4.39
CA MET D 192 -4.54 -20.89 -3.22
C MET D 192 -5.56 -20.88 -2.07
N ILE D 193 -6.37 -19.83 -2.00
CA ILE D 193 -7.38 -19.73 -0.93
C ILE D 193 -8.45 -20.83 -1.03
N ILE D 194 -8.84 -21.15 -2.27
CA ILE D 194 -10.01 -21.99 -2.48
C ILE D 194 -9.73 -23.31 -3.18
N ALA D 195 -8.49 -23.54 -3.59
CA ALA D 195 -8.18 -24.70 -4.45
C ALA D 195 -8.56 -26.04 -3.82
N ARG D 196 -8.21 -26.21 -2.55
CA ARG D 196 -8.39 -27.49 -1.88
C ARG D 196 -9.86 -27.81 -1.73
N GLU D 197 -10.62 -26.80 -1.33
CA GLU D 197 -12.06 -26.93 -1.19
C GLU D 197 -12.70 -27.17 -2.58
N MET D 198 -12.27 -26.40 -3.57
CA MET D 198 -12.68 -26.57 -4.96
C MET D 198 -12.47 -28.02 -5.40
N GLY D 199 -11.29 -28.55 -5.11
CA GLY D 199 -10.91 -29.89 -5.52
C GLY D 199 -11.78 -30.96 -4.88
N GLU D 200 -12.14 -30.73 -3.62
CA GLU D 200 -13.02 -31.64 -2.88
C GLU D 200 -14.42 -31.73 -3.46
N ILE D 201 -15.04 -30.58 -3.74
CA ILE D 201 -16.42 -30.58 -4.23
C ILE D 201 -16.50 -31.03 -5.68
N PHE D 202 -15.36 -30.98 -6.37
CA PHE D 202 -15.26 -31.55 -7.71
C PHE D 202 -14.96 -33.06 -7.66
N SER D 203 -14.71 -33.59 -6.47
CA SER D 203 -14.56 -35.05 -6.28
C SER D 203 -13.24 -35.62 -6.76
N TYR D 204 -12.21 -34.80 -6.82
CA TYR D 204 -10.92 -35.25 -7.30
C TYR D 204 -10.26 -36.19 -6.29
N MET D 205 -9.31 -36.99 -6.74
CA MET D 205 -8.62 -37.82 -5.78
C MET D 205 -7.77 -36.95 -4.87
N PRO D 206 -7.75 -37.29 -3.57
CA PRO D 206 -7.00 -36.58 -2.53
C PRO D 206 -5.55 -36.35 -2.91
N GLY D 207 -4.94 -37.34 -3.55
CA GLY D 207 -3.57 -37.22 -4.01
C GLY D 207 -3.44 -36.09 -5.01
N GLU D 208 -4.37 -36.02 -5.95
CA GLU D 208 -4.30 -35.02 -7.01
C GLU D 208 -4.47 -33.62 -6.46
N ILE D 209 -5.31 -33.51 -5.44
CA ILE D 209 -5.50 -32.25 -4.74
C ILE D 209 -4.20 -31.84 -4.04
N ASP D 210 -3.55 -32.81 -3.38
CA ASP D 210 -2.24 -32.58 -2.77
C ASP D 210 -1.23 -32.06 -3.80
N SER D 211 -1.11 -32.72 -4.96
CA SER D 211 -0.17 -32.25 -5.99
C SER D 211 -0.47 -30.81 -6.40
N TYR D 212 -1.72 -30.55 -6.73
CA TYR D 212 -2.13 -29.23 -7.18
C TYR D 212 -1.73 -28.17 -6.16
N MET D 213 -2.02 -28.45 -4.89
CA MET D 213 -1.69 -27.54 -3.80
C MET D 213 -0.17 -27.34 -3.69
N LYS D 214 0.59 -28.42 -3.89
CA LYS D 214 2.05 -28.33 -3.87
C LYS D 214 2.58 -27.56 -5.08
N TYR D 215 1.88 -27.67 -6.20
CA TYR D 215 2.23 -26.92 -7.41
C TYR D 215 1.99 -25.43 -7.17
N ILE D 216 0.92 -25.13 -6.46
CA ILE D 216 0.57 -23.77 -6.14
C ILE D 216 1.47 -23.18 -5.04
N ASN D 217 1.78 -24.01 -4.04
CA ASN D 217 2.72 -23.66 -2.98
C ASN D 217 3.99 -23.04 -3.55
N ASN D 218 4.55 -23.72 -4.55
CA ASN D 218 5.68 -23.21 -5.31
C ASN D 218 5.26 -23.23 -6.77
N LYS D 219 5.06 -22.08 -7.41
CA LYS D 219 5.53 -20.77 -6.96
C LYS D 219 4.80 -20.21 -5.76
N LEU D 220 5.17 -19.00 -5.39
CA LEU D 220 4.82 -18.41 -4.10
C LEU D 220 5.99 -18.59 -3.14
#